data_4L72
#
_entry.id   4L72
#
_cell.length_a   110.609
_cell.length_b   110.609
_cell.length_c   527.713
_cell.angle_alpha   90.00
_cell.angle_beta   90.00
_cell.angle_gamma   120.00
#
_symmetry.space_group_name_H-M   'P 61 2 2'
#
loop_
_entity.id
_entity.type
_entity.pdbx_description
1 polymer 'Dipeptidyl peptidase 4'
2 polymer 'MERS-CoV RBD'
3 branched 2-acetamido-2-deoxy-beta-D-glucopyranose-(1-4)-2-acetamido-2-deoxy-beta-D-glucopyranose
4 branched beta-D-mannopyranose-(1-4)-2-acetamido-2-deoxy-beta-D-glucopyranose-(1-4)-2-acetamido-2-deoxy-beta-D-glucopyranose
5 non-polymer 2-acetamido-2-deoxy-beta-D-glucopyranose
#
loop_
_entity_poly.entity_id
_entity_poly.type
_entity_poly.pdbx_seq_one_letter_code
_entity_poly.pdbx_strand_id
1 'polypeptide(L)'
;SRKTYTLTDYLKNTYRLKLYSLRWISDHEYLYKQENNILVFNAEYGNSSVFLENSTFDEFGHSINDYSISPDGQFILLEY
NYVKQWRHSYTASYDIYDLNKRQLITEERIPNNTQWVTWSPVGHKLAYVWNNDIYVKIEPNLPSYRITWTGKEDIIYNGI
TDWVYEEEVFSAYSALWWSPNGTFLAYAQFNDTEVPLIEYSFYSDESLQYPKTVRVPYPKAGAVNPTVKFFVVNTDSLSS
VTNATSIQITAPASMLIGDHYLCDVTWATQERISLQWLRRIQNYSVMDICDYDESSGRWNCLVARQHIEMSTTGWVGRFR
PSEPHFTLDGNSFYKIISNEEGYRHICYFQIDKKDCTFITKGTWEVIGIEALTSDYLYYISNEYKGMPGGRNLYKIQLSD
YTKVTCLSCELNPERCQYYSVSFSKEAKYYQLRCSGPGLPLYTLHSSVNDKGLRVLEDNSALDKMLQNVQMPSKKLDFII
LNETKFWYQMILPPHFDKSKKYPLLLDVYAGPCSQKADTVFRLNWATYLASTENIIVASFDGRGSGYQGDKIMHAINRRL
GTFEVEDQIEAARQFSKMGFVDNKRIAIWGWSYGGYVTSMVLGSGSGVFKCGIAVAPVSRWEYYDSVYTERYMGLPTPED
NLDHYRNSTVMSRAENFKQVEYLLIHGTADDNVHFQQSAQISKALVDVGVDFQAMWYTDEDHGIASSTAHQHIYTHMSHF
IKQCFSLP
;
A
2 'polypeptide(L)'
;ECDFSPLLSGTPPQVYNFKRLVFTNCNYNLTKLLSLFSVNDFTCSQISPAAIASNCYSSLILDYFSYPLSMKSDLSVSSA
GPISQFNYKQSFSNPTCLILATVPHNLTTITKPLKYSYINKCSRLLSDDRTEVPQLVNANQYSPCVSIVPSTVWEDGDYY
RKQLSPLEGGGWLVASGSTVAMTEQLQMGFGITVQYGTDTNSVC
;
B
#
loop_
_chem_comp.id
_chem_comp.type
_chem_comp.name
_chem_comp.formula
BMA D-saccharide, beta linking beta-D-mannopyranose 'C6 H12 O6'
NAG D-saccharide, beta linking 2-acetamido-2-deoxy-beta-D-glucopyranose 'C8 H15 N O6'
#
# COMPACT_ATOMS: atom_id res chain seq x y z
N SER A 1 -29.00 7.53 39.46
CA SER A 1 -30.43 7.89 39.46
C SER A 1 -30.79 9.05 38.51
N ARG A 2 -29.85 9.42 37.65
CA ARG A 2 -30.09 10.36 36.56
C ARG A 2 -30.77 9.67 35.37
N LYS A 3 -30.68 10.30 34.19
CA LYS A 3 -31.20 9.72 32.96
C LYS A 3 -30.13 8.84 32.32
N THR A 4 -30.55 7.95 31.43
CA THR A 4 -29.63 6.98 30.83
C THR A 4 -29.03 7.47 29.50
N TYR A 5 -28.04 6.75 29.01
CA TYR A 5 -27.49 6.98 27.67
C TYR A 5 -28.44 6.34 26.67
N THR A 6 -29.10 7.17 25.87
CA THR A 6 -30.15 6.64 25.01
C THR A 6 -29.73 6.47 23.55
N LEU A 7 -30.51 5.68 22.82
CA LEU A 7 -30.26 5.46 21.42
C LEU A 7 -30.20 6.81 20.73
N THR A 8 -31.12 7.71 21.08
CA THR A 8 -31.11 9.05 20.50
C THR A 8 -29.82 9.76 20.84
N ASP A 9 -29.33 9.56 22.06
CA ASP A 9 -28.06 10.16 22.43
C ASP A 9 -27.01 9.71 21.43
N TYR A 10 -26.86 8.39 21.25
CA TYR A 10 -25.90 7.83 20.30
C TYR A 10 -26.05 8.36 18.87
N LEU A 11 -27.25 8.37 18.33
CA LEU A 11 -27.44 8.72 16.92
C LEU A 11 -27.36 10.23 16.68
N LYS A 12 -27.87 11.01 17.61
CA LYS A 12 -27.92 12.46 17.44
C LYS A 12 -26.62 13.10 17.93
N ASN A 13 -25.74 12.28 18.49
CA ASN A 13 -24.41 12.69 18.92
C ASN A 13 -24.36 13.70 20.08
N THR A 14 -25.28 13.56 21.02
CA THR A 14 -25.48 14.62 22.00
C THR A 14 -24.31 14.75 22.95
N TYR A 15 -23.57 13.67 23.19
CA TYR A 15 -22.38 13.76 24.05
C TYR A 15 -21.10 13.54 23.23
N ARG A 16 -20.44 14.63 22.83
CA ARG A 16 -19.33 14.50 21.87
C ARG A 16 -17.92 14.58 22.45
N LEU A 17 -17.05 13.68 22.00
CA LEU A 17 -15.64 13.70 22.37
C LEU A 17 -14.89 14.80 21.63
N LYS A 18 -14.19 15.66 22.36
CA LYS A 18 -13.34 16.64 21.71
C LYS A 18 -12.00 15.99 21.35
N LEU A 19 -11.41 16.49 20.26
CA LEU A 19 -10.11 16.03 19.81
C LEU A 19 -9.18 17.21 19.84
N TYR A 20 -7.97 16.99 19.34
CA TYR A 20 -7.01 18.05 19.12
C TYR A 20 -6.03 17.52 18.09
N SER A 21 -6.31 17.77 16.82
CA SER A 21 -5.43 17.31 15.77
C SER A 21 -4.51 18.43 15.32
N LEU A 22 -3.21 18.22 15.36
CA LEU A 22 -2.32 19.26 14.86
C LEU A 22 -1.57 18.79 13.66
N ARG A 23 -0.83 19.70 13.03
CA ARG A 23 0.07 19.31 11.95
C ARG A 23 1.43 19.95 12.16
N TRP A 24 2.46 19.15 12.40
CA TRP A 24 3.78 19.75 12.54
C TRP A 24 4.22 20.27 11.20
N ILE A 25 4.85 21.45 11.20
CA ILE A 25 5.31 22.07 9.97
C ILE A 25 6.79 22.34 10.10
N SER A 26 7.33 22.17 11.31
CA SER A 26 8.77 22.29 11.52
C SER A 26 9.18 21.48 12.76
N ASP A 27 10.36 21.79 13.31
CA ASP A 27 10.89 21.01 14.43
C ASP A 27 10.29 21.42 15.76
N HIS A 28 9.54 22.52 15.76
CA HIS A 28 9.06 23.14 17.00
C HIS A 28 7.77 23.93 16.78
N GLU A 29 7.13 23.74 15.63
CA GLU A 29 5.92 24.50 15.30
C GLU A 29 4.87 23.59 14.69
N TYR A 30 3.62 23.77 15.09
CA TYR A 30 2.53 23.02 14.49
C TYR A 30 1.31 23.90 14.19
N LEU A 31 0.36 23.39 13.40
CA LEU A 31 -0.87 24.11 13.06
C LEU A 31 -2.10 23.51 13.75
N TYR A 32 -2.94 24.36 14.36
CA TYR A 32 -4.27 23.92 14.81
C TYR A 32 -5.39 24.78 14.23
N LYS A 33 -6.62 24.28 14.28
CA LYS A 33 -7.77 24.96 13.69
C LYS A 33 -8.74 25.53 14.75
N GLN A 34 -8.23 26.36 15.66
CA GLN A 34 -9.05 26.92 16.75
C GLN A 34 -10.09 27.96 16.30
N GLU A 35 -11.37 27.62 16.45
CA GLU A 35 -12.51 28.46 16.04
C GLU A 35 -12.55 28.76 14.52
N ASN A 36 -12.24 27.72 13.73
CA ASN A 36 -12.20 27.78 12.27
C ASN A 36 -11.11 28.67 11.64
N ASN A 37 -10.24 29.26 12.46
CA ASN A 37 -9.03 29.92 11.96
C ASN A 37 -7.90 28.92 12.06
N ILE A 38 -6.95 28.98 11.13
CA ILE A 38 -5.73 28.21 11.30
C ILE A 38 -4.68 29.04 12.03
N LEU A 39 -4.24 28.53 13.17
CA LEU A 39 -3.20 29.15 13.97
C LEU A 39 -1.92 28.31 13.96
N VAL A 40 -0.77 28.97 14.07
CA VAL A 40 0.50 28.28 14.25
C VAL A 40 1.04 28.47 15.66
N PHE A 41 1.24 27.36 16.37
CA PHE A 41 1.71 27.39 17.77
C PHE A 41 3.21 27.08 17.82
N ASN A 42 3.92 27.72 18.76
CA ASN A 42 5.37 27.51 18.94
C ASN A 42 5.66 26.76 20.25
N ALA A 43 5.97 25.47 20.12
CA ALA A 43 6.13 24.56 21.27
C ALA A 43 7.29 24.92 22.20
N GLU A 44 8.36 25.45 21.61
CA GLU A 44 9.57 25.82 22.36
C GLU A 44 9.27 26.71 23.58
N TYR A 45 8.27 27.58 23.41
CA TYR A 45 7.76 28.43 24.48
C TYR A 45 6.28 28.17 24.63
N GLY A 46 5.47 29.16 24.29
CA GLY A 46 4.03 28.99 24.39
C GLY A 46 3.27 29.69 23.28
N ASN A 47 3.89 30.69 22.66
CA ASN A 47 3.17 31.63 21.80
C ASN A 47 2.38 31.03 20.65
N SER A 48 1.43 31.82 20.15
CA SER A 48 0.54 31.38 19.11
C SER A 48 0.14 32.62 18.29
N SER A 49 0.07 32.48 16.98
CA SER A 49 -0.15 33.63 16.10
C SER A 49 -0.89 33.20 14.84
N VAL A 50 -1.88 33.99 14.42
CA VAL A 50 -2.79 33.57 13.34
C VAL A 50 -2.08 33.38 11.99
N PHE A 51 -2.31 32.21 11.40
CA PHE A 51 -1.71 31.88 10.11
C PHE A 51 -2.71 32.12 9.00
N LEU A 52 -4.00 31.92 9.28
CA LEU A 52 -5.02 32.14 8.26
C LEU A 52 -6.40 32.33 8.86
N GLU A 53 -6.99 33.49 8.63
CA GLU A 53 -8.28 33.82 9.22
C GLU A 53 -9.43 33.12 8.52
N ASN A 54 -10.42 32.70 9.31
CA ASN A 54 -11.58 32.00 8.79
C ASN A 54 -12.29 32.78 7.69
N SER A 55 -12.17 34.10 7.73
CA SER A 55 -12.81 34.97 6.74
C SER A 55 -12.17 34.91 5.36
N THR A 56 -10.90 34.49 5.29
CA THR A 56 -10.15 34.45 4.02
C THR A 56 -10.98 33.86 2.86
N PHE A 57 -11.74 32.80 3.13
CA PHE A 57 -12.50 32.16 2.06
C PHE A 57 -14.02 32.28 2.22
N ASP A 58 -14.45 33.41 2.76
CA ASP A 58 -15.84 33.82 2.74
C ASP A 58 -16.24 34.16 1.30
N GLU A 59 -15.25 34.49 0.47
CA GLU A 59 -15.49 35.02 -0.88
C GLU A 59 -15.36 33.96 -1.96
N PHE A 60 -15.00 32.75 -1.55
CA PHE A 60 -14.74 31.67 -2.49
C PHE A 60 -15.96 31.29 -3.36
N GLY A 61 -17.15 31.33 -2.75
CA GLY A 61 -18.36 30.94 -3.43
C GLY A 61 -18.32 29.46 -3.80
N HIS A 62 -17.99 28.61 -2.83
CA HIS A 62 -17.91 27.15 -3.01
C HIS A 62 -17.88 26.54 -1.64
N SER A 63 -18.61 25.45 -1.44
CA SER A 63 -18.48 24.72 -0.20
C SER A 63 -17.09 24.08 -0.21
N ILE A 64 -16.30 24.32 0.85
CA ILE A 64 -14.90 23.85 0.84
C ILE A 64 -14.69 22.54 1.60
N ASN A 65 -14.54 21.46 0.86
CA ASN A 65 -14.47 20.13 1.45
C ASN A 65 -13.20 19.91 2.23
N ASP A 66 -12.09 20.43 1.74
CA ASP A 66 -10.82 20.15 2.41
C ASP A 66 -9.77 21.15 1.98
N TYR A 67 -8.71 21.33 2.76
CA TYR A 67 -7.65 22.25 2.40
C TYR A 67 -6.34 21.54 2.68
N SER A 68 -5.24 22.06 2.15
CA SER A 68 -3.90 21.58 2.52
C SER A 68 -2.85 22.64 2.23
N ILE A 69 -2.18 23.10 3.28
CA ILE A 69 -1.16 24.14 3.18
C ILE A 69 0.20 23.53 2.80
N SER A 70 0.92 24.15 1.87
CA SER A 70 2.18 23.57 1.39
C SER A 70 3.23 23.60 2.49
N PRO A 71 4.25 22.74 2.39
CA PRO A 71 5.24 22.62 3.48
C PRO A 71 5.89 23.93 3.86
N ASP A 72 6.08 24.82 2.89
CA ASP A 72 6.73 26.08 3.15
C ASP A 72 5.75 27.21 3.47
N GLY A 73 4.49 26.86 3.65
CA GLY A 73 3.46 27.81 4.03
C GLY A 73 3.17 28.90 3.00
N GLN A 74 3.76 28.79 1.81
CA GLN A 74 3.59 29.80 0.75
C GLN A 74 2.25 29.69 0.01
N PHE A 75 1.76 28.46 -0.17
CA PHE A 75 0.53 28.24 -0.92
C PHE A 75 -0.45 27.36 -0.17
N ILE A 76 -1.74 27.55 -0.41
CA ILE A 76 -2.74 26.67 0.16
C ILE A 76 -3.64 26.07 -0.94
N LEU A 77 -3.86 24.76 -0.86
CA LEU A 77 -4.66 24.04 -1.84
C LEU A 77 -6.07 23.91 -1.32
N LEU A 78 -7.05 24.22 -2.16
CA LEU A 78 -8.45 24.21 -1.75
C LEU A 78 -9.25 23.17 -2.52
N GLU A 79 -9.75 22.18 -1.80
CA GLU A 79 -10.53 21.09 -2.38
C GLU A 79 -12.01 21.34 -2.22
N TYR A 80 -12.70 21.43 -3.35
CA TYR A 80 -14.16 21.56 -3.36
C TYR A 80 -14.76 20.61 -4.40
N ASN A 81 -16.10 20.50 -4.44
CA ASN A 81 -16.79 19.58 -5.35
C ASN A 81 -16.40 18.10 -5.20
N TYR A 82 -16.11 17.69 -3.97
CA TYR A 82 -15.82 16.28 -3.67
C TYR A 82 -17.00 15.40 -4.10
N VAL A 83 -16.73 14.37 -4.89
CA VAL A 83 -17.74 13.39 -5.30
C VAL A 83 -17.19 11.98 -5.08
N LYS A 84 -17.79 11.20 -4.18
CA LYS A 84 -17.14 9.98 -3.68
C LYS A 84 -17.02 8.84 -4.71
N GLN A 85 -15.95 8.04 -4.52
CA GLN A 85 -15.54 6.95 -5.42
C GLN A 85 -15.61 5.56 -4.75
N TRP A 86 -14.73 5.32 -3.76
CA TRP A 86 -14.67 4.04 -3.01
C TRP A 86 -14.52 4.25 -1.47
N ARG A 87 -13.36 3.89 -0.91
CA ARG A 87 -13.02 4.22 0.48
C ARG A 87 -11.55 4.64 0.56
N HIS A 88 -11.32 5.92 0.89
CA HIS A 88 -10.04 6.66 0.73
C HIS A 88 -10.00 7.50 -0.59
N SER A 89 -10.96 7.28 -1.50
CA SER A 89 -10.90 7.84 -2.88
C SER A 89 -12.11 8.68 -3.35
N TYR A 90 -11.90 9.48 -4.40
CA TYR A 90 -12.95 10.37 -4.94
C TYR A 90 -12.63 11.06 -6.30
N THR A 91 -13.36 12.14 -6.58
CA THR A 91 -13.05 13.08 -7.65
C THR A 91 -13.32 14.48 -7.09
N ALA A 92 -12.48 15.46 -7.44
CA ALA A 92 -12.78 16.83 -7.01
C ALA A 92 -12.26 17.95 -7.91
N SER A 93 -12.60 19.16 -7.49
CA SER A 93 -12.12 20.39 -8.11
C SER A 93 -11.13 21.01 -7.14
N TYR A 94 -10.07 21.60 -7.70
CA TYR A 94 -9.04 22.22 -6.86
C TYR A 94 -8.70 23.63 -7.30
N ASP A 95 -8.53 24.52 -6.32
CA ASP A 95 -8.03 25.86 -6.55
C ASP A 95 -6.81 26.10 -5.66
N ILE A 96 -5.81 26.82 -6.16
CA ILE A 96 -4.64 27.15 -5.35
C ILE A 96 -4.64 28.63 -4.99
N TYR A 97 -4.45 28.93 -3.71
CA TYR A 97 -4.42 30.31 -3.22
C TYR A 97 -3.00 30.74 -2.81
N ASP A 98 -2.44 31.74 -3.48
CA ASP A 98 -1.11 32.30 -3.14
C ASP A 98 -1.21 33.16 -1.87
N LEU A 99 -0.56 32.72 -0.80
CA LEU A 99 -0.68 33.36 0.50
C LEU A 99 0.02 34.72 0.57
N ASN A 100 1.17 34.83 -0.09
CA ASN A 100 1.83 36.13 -0.25
C ASN A 100 0.91 37.08 -1.01
N LYS A 101 0.73 36.82 -2.31
CA LYS A 101 -0.12 37.64 -3.16
C LYS A 101 -1.55 37.82 -2.65
N ARG A 102 -1.94 37.05 -1.64
CA ARG A 102 -3.33 37.01 -1.16
C ARG A 102 -4.36 36.93 -2.26
N GLN A 103 -4.12 36.05 -3.23
CA GLN A 103 -4.87 36.00 -4.48
C GLN A 103 -5.10 34.54 -4.87
N LEU A 104 -6.19 34.27 -5.58
CA LEU A 104 -6.43 32.94 -6.12
C LEU A 104 -5.63 32.84 -7.40
N ILE A 105 -4.98 31.70 -7.63
CA ILE A 105 -4.26 31.50 -8.88
C ILE A 105 -5.25 31.06 -9.95
N THR A 106 -5.36 31.83 -11.03
CA THR A 106 -6.42 31.60 -12.01
C THR A 106 -5.94 31.06 -13.34
N GLU A 107 -4.67 31.30 -13.66
CA GLU A 107 -4.04 30.77 -14.86
C GLU A 107 -3.61 29.31 -14.60
N GLU A 108 -3.77 28.42 -15.59
CA GLU A 108 -3.33 27.02 -15.50
C GLU A 108 -3.83 26.19 -14.31
N ARG A 109 -5.14 26.17 -14.07
CA ARG A 109 -5.67 25.52 -12.87
C ARG A 109 -5.61 24.00 -12.95
N ILE A 110 -5.77 23.36 -11.79
CA ILE A 110 -5.85 21.91 -11.76
C ILE A 110 -7.21 21.49 -12.30
N PRO A 111 -7.21 20.61 -13.32
CA PRO A 111 -8.46 20.24 -14.01
C PRO A 111 -9.52 19.71 -13.06
N ASN A 112 -10.78 19.97 -13.41
CA ASN A 112 -11.91 19.38 -12.72
C ASN A 112 -11.77 17.85 -12.76
N ASN A 113 -12.40 17.18 -11.81
CA ASN A 113 -12.44 15.72 -11.81
C ASN A 113 -11.06 15.11 -11.61
N THR A 114 -10.28 15.74 -10.74
CA THR A 114 -8.96 15.23 -10.43
C THR A 114 -9.11 14.15 -9.39
N GLN A 115 -8.34 13.08 -9.57
CA GLN A 115 -8.37 11.94 -8.67
C GLN A 115 -7.54 12.10 -7.39
N TRP A 116 -6.40 12.77 -7.47
CA TRP A 116 -5.56 12.91 -6.29
C TRP A 116 -4.53 14.06 -6.44
N VAL A 117 -4.13 14.66 -5.32
CA VAL A 117 -3.12 15.74 -5.32
C VAL A 117 -2.24 15.64 -4.06
N THR A 118 -0.92 15.72 -4.22
CA THR A 118 0.03 15.81 -3.10
C THR A 118 0.96 16.97 -3.34
N TRP A 119 1.30 17.70 -2.28
CA TRP A 119 2.46 18.58 -2.32
C TRP A 119 3.71 17.73 -2.25
N SER A 120 4.81 18.23 -2.81
CA SER A 120 6.11 17.67 -2.50
C SER A 120 6.33 17.86 -1.00
N PRO A 121 7.23 17.07 -0.40
CA PRO A 121 7.32 17.21 1.05
C PRO A 121 8.08 18.45 1.56
N VAL A 122 8.70 19.25 0.68
CA VAL A 122 9.37 20.46 1.20
C VAL A 122 9.14 21.77 0.45
N GLY A 123 8.90 21.71 -0.86
CA GLY A 123 8.79 22.99 -1.55
C GLY A 123 7.36 23.46 -1.59
N HIS A 124 6.91 23.76 -2.81
CA HIS A 124 5.50 23.88 -3.12
C HIS A 124 5.27 23.21 -4.47
N LYS A 125 5.99 22.12 -4.73
CA LYS A 125 5.70 21.30 -5.91
C LYS A 125 4.35 20.55 -5.75
N LEU A 126 3.76 20.15 -6.89
CA LEU A 126 2.45 19.51 -6.95
C LEU A 126 2.52 18.29 -7.85
N ALA A 127 2.02 17.16 -7.36
CA ALA A 127 1.77 16.02 -8.23
C ALA A 127 0.30 15.72 -8.13
N TYR A 128 -0.38 15.61 -9.27
CA TYR A 128 -1.78 15.25 -9.24
C TYR A 128 -2.11 14.22 -10.29
N VAL A 129 -3.19 13.47 -10.10
CA VAL A 129 -3.57 12.45 -11.06
C VAL A 129 -4.91 12.82 -11.65
N TRP A 130 -5.02 12.74 -12.98
CA TRP A 130 -6.22 13.16 -13.68
C TRP A 130 -6.38 12.27 -14.90
N ASN A 131 -7.53 11.60 -14.99
CA ASN A 131 -7.72 10.52 -15.95
C ASN A 131 -6.62 9.50 -15.86
N ASN A 132 -6.23 9.15 -14.64
CA ASN A 132 -5.27 8.08 -14.43
C ASN A 132 -3.87 8.35 -14.97
N ASP A 133 -3.57 9.61 -15.27
CA ASP A 133 -2.21 9.99 -15.65
C ASP A 133 -1.63 10.96 -14.63
N ILE A 134 -0.31 10.89 -14.43
CA ILE A 134 0.35 11.75 -13.46
C ILE A 134 0.75 13.08 -14.09
N TYR A 135 0.55 14.17 -13.35
CA TYR A 135 0.93 15.49 -13.79
C TYR A 135 1.71 16.19 -12.68
N VAL A 136 2.83 16.81 -13.03
CA VAL A 136 3.60 17.60 -12.05
C VAL A 136 3.63 19.11 -12.34
N LYS A 137 3.29 19.91 -11.33
CA LYS A 137 3.47 21.36 -11.35
C LYS A 137 4.68 21.70 -10.49
N ILE A 138 5.68 22.36 -11.06
CA ILE A 138 6.78 22.86 -10.26
C ILE A 138 6.41 24.20 -9.63
N GLU A 139 6.20 25.23 -10.44
CA GLU A 139 5.63 26.43 -9.86
C GLU A 139 4.11 26.36 -10.07
N PRO A 140 3.35 26.69 -9.02
CA PRO A 140 1.90 26.45 -9.03
C PRO A 140 1.16 27.11 -10.18
N ASN A 141 1.72 28.13 -10.82
CA ASN A 141 0.95 28.91 -11.81
C ASN A 141 1.44 28.76 -13.24
N LEU A 142 2.21 27.71 -13.51
CA LEU A 142 2.71 27.45 -14.87
C LEU A 142 2.22 26.07 -15.29
N PRO A 143 2.15 25.82 -16.60
CA PRO A 143 1.72 24.54 -17.17
C PRO A 143 2.25 23.29 -16.47
N SER A 144 1.36 22.36 -16.17
CA SER A 144 1.76 21.09 -15.56
C SER A 144 2.57 20.30 -16.57
N TYR A 145 3.45 19.43 -16.10
CA TYR A 145 4.16 18.50 -16.99
C TYR A 145 3.48 17.15 -16.93
N ARG A 146 3.15 16.59 -18.08
CA ARG A 146 2.50 15.30 -18.07
C ARG A 146 3.55 14.22 -17.91
N ILE A 147 3.41 13.39 -16.90
CA ILE A 147 4.41 12.35 -16.66
C ILE A 147 4.11 11.05 -17.43
N THR A 148 2.85 10.65 -17.47
CA THR A 148 2.44 9.44 -18.16
C THR A 148 1.35 9.72 -19.21
N TRP A 149 1.37 8.95 -20.31
CA TRP A 149 0.38 9.11 -21.38
C TRP A 149 -0.41 7.83 -21.59
N THR A 150 -0.44 7.02 -20.55
CA THR A 150 -0.74 5.64 -20.75
C THR A 150 -2.00 5.22 -20.00
N GLY A 151 -2.42 6.10 -19.10
CA GLY A 151 -3.59 5.87 -18.27
C GLY A 151 -4.86 5.70 -19.06
N LYS A 152 -5.75 4.85 -18.55
CA LYS A 152 -6.99 4.50 -19.23
C LYS A 152 -7.97 3.97 -18.20
N GLU A 153 -9.19 4.52 -18.19
CA GLU A 153 -10.16 4.20 -17.15
C GLU A 153 -10.40 2.71 -16.96
N ASP A 154 -10.38 2.29 -15.69
CA ASP A 154 -10.56 0.89 -15.33
C ASP A 154 -9.54 -0.11 -15.89
N ILE A 155 -8.54 0.39 -16.61
CA ILE A 155 -7.50 -0.50 -17.13
C ILE A 155 -6.09 -0.20 -16.62
N ILE A 156 -5.62 0.99 -16.92
CA ILE A 156 -4.28 1.35 -16.52
C ILE A 156 -4.39 2.45 -15.52
N TYR A 157 -3.70 2.29 -14.39
CA TYR A 157 -3.73 3.28 -13.31
C TYR A 157 -2.34 3.79 -13.01
N ASN A 158 -2.05 5.03 -13.37
CA ASN A 158 -0.75 5.61 -13.04
C ASN A 158 -0.82 6.50 -11.83
N GLY A 159 -0.21 6.08 -10.74
CA GLY A 159 -0.05 6.96 -9.60
C GLY A 159 -1.23 6.94 -8.65
N ILE A 160 -2.28 6.23 -9.04
CA ILE A 160 -3.36 5.90 -8.12
C ILE A 160 -3.57 4.38 -8.12
N THR A 161 -4.28 3.89 -7.12
CA THR A 161 -4.43 2.45 -6.94
C THR A 161 -5.72 1.95 -7.55
N ASP A 162 -5.75 0.68 -7.95
CA ASP A 162 -6.99 0.05 -8.36
C ASP A 162 -7.71 -0.43 -7.10
N TRP A 163 -8.88 -1.06 -7.25
CA TRP A 163 -9.70 -1.42 -6.09
C TRP A 163 -8.93 -2.23 -5.06
N VAL A 164 -8.31 -3.33 -5.51
CA VAL A 164 -7.71 -4.26 -4.56
C VAL A 164 -6.44 -3.74 -3.89
N TYR A 165 -5.61 -3.00 -4.62
CA TYR A 165 -4.43 -2.40 -4.00
C TYR A 165 -4.86 -1.35 -2.99
N GLU A 166 -5.81 -0.50 -3.39
CA GLU A 166 -6.37 0.46 -2.45
C GLU A 166 -6.89 -0.18 -1.15
N GLU A 167 -7.74 -1.19 -1.27
CA GLU A 167 -8.39 -1.75 -0.10
C GLU A 167 -7.48 -2.66 0.74
N GLU A 168 -6.58 -3.38 0.09
CA GLU A 168 -5.94 -4.48 0.77
C GLU A 168 -4.44 -4.41 0.85
N VAL A 169 -3.83 -3.43 0.18
CA VAL A 169 -2.38 -3.37 0.21
C VAL A 169 -1.89 -2.03 0.74
N PHE A 170 -2.17 -0.95 0.03
CA PHE A 170 -1.71 0.36 0.48
C PHE A 170 -2.64 1.10 1.41
N SER A 171 -3.89 0.70 1.50
CA SER A 171 -4.85 1.45 2.31
C SER A 171 -4.90 2.93 1.94
N ALA A 172 -4.77 3.23 0.63
CA ALA A 172 -4.82 4.61 0.15
C ALA A 172 -5.17 4.67 -1.34
N TYR A 173 -5.61 5.82 -1.82
CA TYR A 173 -5.88 5.97 -3.25
C TYR A 173 -4.56 6.35 -3.95
N SER A 174 -3.66 6.95 -3.20
CA SER A 174 -2.43 7.44 -3.79
C SER A 174 -1.45 6.29 -4.00
N ALA A 175 -0.67 6.41 -5.07
CA ALA A 175 0.39 5.48 -5.34
C ALA A 175 1.48 6.33 -5.94
N LEU A 176 1.73 7.45 -5.26
CA LEU A 176 2.85 8.35 -5.52
C LEU A 176 3.69 8.35 -4.27
N TRP A 177 4.99 8.51 -4.41
CA TRP A 177 5.87 8.68 -3.26
C TRP A 177 7.00 9.61 -3.59
N TRP A 178 6.93 10.84 -3.10
CA TRP A 178 8.02 11.79 -3.26
C TRP A 178 9.25 11.37 -2.46
N SER A 179 10.43 11.68 -2.98
CA SER A 179 11.65 11.54 -2.21
C SER A 179 11.68 12.71 -1.21
N PRO A 180 12.46 12.57 -0.12
CA PRO A 180 12.44 13.54 0.98
C PRO A 180 12.48 15.02 0.60
N ASN A 181 13.28 15.44 -0.38
CA ASN A 181 13.31 16.84 -0.78
C ASN A 181 12.54 17.11 -2.07
N GLY A 182 11.74 16.15 -2.48
CA GLY A 182 10.90 16.34 -3.64
C GLY A 182 11.62 16.28 -4.97
N THR A 183 12.88 15.88 -4.98
CA THR A 183 13.57 15.76 -6.25
C THR A 183 12.97 14.66 -7.11
N PHE A 184 12.84 13.46 -6.55
CA PHE A 184 12.26 12.35 -7.28
C PHE A 184 10.79 12.16 -6.94
N LEU A 185 10.03 11.66 -7.89
CA LEU A 185 8.66 11.25 -7.65
C LEU A 185 8.56 9.82 -8.12
N ALA A 186 8.41 8.89 -7.17
CA ALA A 186 8.23 7.48 -7.49
C ALA A 186 6.76 7.11 -7.63
N TYR A 187 6.42 6.28 -8.61
CA TYR A 187 5.02 5.95 -8.80
C TYR A 187 4.79 4.53 -9.23
N ALA A 188 3.57 4.04 -9.02
CA ALA A 188 3.25 2.70 -9.45
C ALA A 188 2.25 2.74 -10.59
N GLN A 189 2.29 1.70 -11.42
CA GLN A 189 1.33 1.57 -12.49
C GLN A 189 0.64 0.24 -12.39
N PHE A 190 -0.68 0.28 -12.24
CA PHE A 190 -1.45 -0.96 -12.16
C PHE A 190 -2.16 -1.29 -13.47
N ASN A 191 -2.26 -2.58 -13.79
CA ASN A 191 -2.87 -3.03 -15.03
C ASN A 191 -4.01 -3.99 -14.74
N ASP A 192 -5.25 -3.56 -14.90
CA ASP A 192 -6.39 -4.43 -14.63
C ASP A 192 -6.95 -5.10 -15.87
N THR A 193 -6.20 -5.08 -16.97
CA THR A 193 -6.70 -5.56 -18.25
C THR A 193 -7.42 -6.91 -18.17
N GLU A 194 -6.79 -7.91 -17.58
CA GLU A 194 -7.44 -9.20 -17.50
C GLU A 194 -8.24 -9.47 -16.20
N VAL A 195 -8.39 -8.46 -15.35
CA VAL A 195 -9.15 -8.63 -14.10
C VAL A 195 -10.65 -8.53 -14.35
N PRO A 196 -11.41 -9.57 -13.95
CA PRO A 196 -12.86 -9.66 -14.07
C PRO A 196 -13.60 -8.48 -13.43
N LEU A 197 -14.72 -8.08 -14.02
CA LEU A 197 -15.53 -7.01 -13.46
C LEU A 197 -16.57 -7.54 -12.49
N ILE A 198 -16.69 -6.91 -11.32
CA ILE A 198 -17.91 -7.02 -10.53
C ILE A 198 -18.91 -5.95 -10.99
N GLU A 199 -20.17 -6.31 -11.14
CA GLU A 199 -21.15 -5.37 -11.63
C GLU A 199 -22.30 -5.34 -10.66
N TYR A 200 -22.92 -4.19 -10.47
CA TYR A 200 -24.04 -4.09 -9.54
C TYR A 200 -24.84 -2.82 -9.85
N SER A 201 -26.09 -2.77 -9.39
CA SER A 201 -26.95 -1.64 -9.73
C SER A 201 -26.74 -0.46 -8.79
N PHE A 202 -26.76 0.75 -9.34
CA PHE A 202 -26.88 1.97 -8.54
C PHE A 202 -28.18 2.73 -8.92
N TYR A 203 -29.08 2.92 -7.96
CA TYR A 203 -30.39 3.46 -8.29
C TYR A 203 -30.45 4.96 -8.29
N SER A 204 -29.64 5.57 -7.42
CA SER A 204 -29.51 7.01 -7.33
C SER A 204 -30.81 7.73 -6.96
N ASP A 205 -30.87 8.99 -7.36
CA ASP A 205 -32.03 9.81 -7.09
C ASP A 205 -33.30 9.25 -7.75
N GLU A 206 -34.43 9.44 -7.08
CA GLU A 206 -35.74 9.03 -7.55
C GLU A 206 -36.01 9.42 -9.01
N SER A 207 -35.33 10.44 -9.52
CA SER A 207 -35.59 10.89 -10.88
C SER A 207 -34.79 10.17 -11.96
N LEU A 208 -33.73 9.43 -11.58
CA LEU A 208 -32.99 8.68 -12.58
C LEU A 208 -33.89 7.57 -13.05
N GLN A 209 -34.14 7.49 -14.34
CA GLN A 209 -35.14 6.54 -14.85
C GLN A 209 -34.61 5.11 -14.95
N TYR A 210 -33.43 4.95 -15.57
CA TYR A 210 -32.81 3.65 -15.68
C TYR A 210 -31.63 3.54 -14.72
N PRO A 211 -31.61 2.51 -13.86
CA PRO A 211 -30.51 2.43 -12.89
C PRO A 211 -29.14 2.36 -13.57
N LYS A 212 -28.09 2.82 -12.88
CA LYS A 212 -26.72 2.83 -13.40
C LYS A 212 -26.10 1.49 -13.02
N THR A 213 -25.43 0.83 -13.96
CA THR A 213 -24.69 -0.38 -13.62
C THR A 213 -23.24 -0.02 -13.36
N VAL A 214 -22.81 -0.19 -12.13
CA VAL A 214 -21.44 0.14 -11.76
C VAL A 214 -20.55 -1.06 -12.02
N ARG A 215 -19.43 -0.84 -12.70
CA ARG A 215 -18.48 -1.90 -13.01
C ARG A 215 -17.12 -1.64 -12.37
N VAL A 216 -16.63 -2.62 -11.62
CA VAL A 216 -15.35 -2.45 -10.94
C VAL A 216 -14.46 -3.67 -11.17
N PRO A 217 -13.23 -3.44 -11.65
CA PRO A 217 -12.31 -4.58 -11.70
C PRO A 217 -12.03 -5.00 -10.27
N TYR A 218 -12.29 -6.27 -9.96
CA TYR A 218 -12.19 -6.79 -8.60
C TYR A 218 -11.81 -8.27 -8.69
N PRO A 219 -10.60 -8.63 -8.26
CA PRO A 219 -10.23 -10.05 -8.33
C PRO A 219 -10.80 -10.85 -7.14
N LYS A 220 -11.56 -11.91 -7.40
CA LYS A 220 -12.00 -12.78 -6.31
C LYS A 220 -10.97 -13.89 -6.13
N ALA A 221 -11.01 -14.57 -4.98
CA ALA A 221 -10.02 -15.60 -4.68
C ALA A 221 -9.73 -16.54 -5.84
N GLY A 222 -8.50 -16.56 -6.34
CA GLY A 222 -8.15 -17.42 -7.46
C GLY A 222 -8.22 -16.77 -8.84
N ALA A 223 -9.02 -15.72 -8.97
CA ALA A 223 -9.21 -15.04 -10.26
C ALA A 223 -7.92 -14.35 -10.71
N VAL A 224 -7.92 -13.83 -11.93
CA VAL A 224 -6.75 -13.13 -12.46
C VAL A 224 -6.54 -11.81 -11.73
N ASN A 225 -5.31 -11.58 -11.27
CA ASN A 225 -4.94 -10.38 -10.50
C ASN A 225 -4.40 -9.24 -11.36
N PRO A 226 -4.39 -8.02 -10.82
CA PRO A 226 -3.77 -6.95 -11.60
C PRO A 226 -2.26 -7.11 -11.58
N THR A 227 -1.58 -6.48 -12.53
CA THR A 227 -0.14 -6.52 -12.52
C THR A 227 0.38 -5.13 -12.13
N VAL A 228 1.61 -5.07 -11.65
CA VAL A 228 2.18 -3.82 -11.18
C VAL A 228 3.56 -3.54 -11.79
N LYS A 229 3.81 -2.29 -12.14
CA LYS A 229 5.15 -1.91 -12.54
C LYS A 229 5.57 -0.65 -11.78
N PHE A 230 6.85 -0.47 -11.53
CA PHE A 230 7.28 0.65 -10.69
C PHE A 230 8.22 1.61 -11.41
N PHE A 231 8.02 2.93 -11.21
CA PHE A 231 8.80 3.94 -11.92
C PHE A 231 9.29 5.03 -10.99
N VAL A 232 10.35 5.73 -11.40
CA VAL A 232 10.79 6.93 -10.69
C VAL A 232 11.10 8.01 -11.71
N VAL A 233 10.60 9.21 -11.49
CA VAL A 233 10.89 10.31 -12.39
C VAL A 233 11.64 11.38 -11.62
N ASN A 234 12.60 12.02 -12.28
CA ASN A 234 13.36 13.11 -11.69
C ASN A 234 12.64 14.40 -12.02
N THR A 235 12.02 15.02 -11.02
CA THR A 235 11.18 16.16 -11.29
C THR A 235 11.95 17.47 -11.49
N ASP A 236 13.23 17.47 -11.11
CA ASP A 236 14.01 18.70 -11.28
C ASP A 236 14.39 18.92 -12.74
N SER A 237 14.63 17.83 -13.47
CA SER A 237 14.96 17.92 -14.91
C SER A 237 13.75 17.75 -15.87
N LEU A 238 12.57 18.19 -15.44
CA LEU A 238 11.43 18.22 -16.35
C LEU A 238 11.60 19.39 -17.30
N SER A 239 10.78 19.44 -18.34
CA SER A 239 10.94 20.39 -19.42
C SER A 239 9.72 20.32 -20.33
N SER A 240 9.41 21.41 -21.01
CA SER A 240 8.28 21.43 -21.92
C SER A 240 8.74 21.06 -23.32
N VAL A 241 10.04 21.09 -23.54
CA VAL A 241 10.63 20.67 -24.80
C VAL A 241 10.54 19.14 -24.97
N THR A 242 10.33 18.42 -23.87
CA THR A 242 10.58 16.98 -23.86
C THR A 242 9.75 16.18 -22.86
N ASN A 243 9.11 15.11 -23.37
CA ASN A 243 8.36 14.22 -22.50
C ASN A 243 9.32 13.72 -21.41
N ALA A 244 8.85 13.74 -20.17
CA ALA A 244 9.64 13.29 -19.03
C ALA A 244 10.13 11.86 -19.21
N THR A 245 11.26 11.54 -18.61
CA THR A 245 11.74 10.19 -18.66
C THR A 245 11.51 9.51 -17.31
N SER A 246 10.67 8.48 -17.29
CA SER A 246 10.48 7.71 -16.08
C SER A 246 11.37 6.50 -16.12
N ILE A 247 12.29 6.37 -15.18
CA ILE A 247 13.09 5.15 -15.12
C ILE A 247 12.30 4.01 -14.44
N GLN A 248 12.14 2.89 -15.12
CA GLN A 248 11.43 1.77 -14.52
C GLN A 248 12.40 0.99 -13.65
N ILE A 249 12.02 0.77 -12.39
CA ILE A 249 12.76 -0.12 -11.49
C ILE A 249 12.06 -1.47 -11.41
N THR A 250 12.76 -2.52 -11.79
CA THR A 250 12.14 -3.81 -12.06
C THR A 250 12.19 -4.71 -10.82
N ALA A 251 11.17 -5.55 -10.64
CA ALA A 251 11.07 -6.37 -9.43
C ALA A 251 12.15 -7.44 -9.39
N PRO A 252 12.45 -7.97 -8.19
CA PRO A 252 13.47 -9.02 -8.14
C PRO A 252 13.08 -10.30 -8.88
N ALA A 253 14.11 -11.07 -9.24
CA ALA A 253 13.90 -12.28 -10.02
C ALA A 253 12.99 -13.26 -9.30
N SER A 254 13.12 -13.38 -7.99
CA SER A 254 12.27 -14.31 -7.25
C SER A 254 10.78 -13.93 -7.32
N MET A 255 10.49 -12.70 -7.75
CA MET A 255 9.11 -12.26 -7.93
C MET A 255 8.67 -12.47 -9.36
N LEU A 256 9.56 -12.18 -10.30
CA LEU A 256 9.19 -12.27 -11.71
C LEU A 256 8.66 -13.64 -12.20
N ILE A 257 9.02 -14.72 -11.52
CA ILE A 257 8.63 -16.05 -11.97
C ILE A 257 7.13 -16.40 -11.84
N GLY A 258 6.32 -15.49 -11.31
CA GLY A 258 4.92 -15.78 -11.04
C GLY A 258 4.19 -14.55 -10.49
N ASP A 259 2.90 -14.71 -10.17
CA ASP A 259 2.08 -13.57 -9.76
C ASP A 259 2.71 -12.96 -8.54
N HIS A 260 2.83 -11.63 -8.51
CA HIS A 260 3.37 -10.94 -7.32
C HIS A 260 2.63 -9.63 -7.07
N TYR A 261 2.93 -8.97 -5.94
CA TYR A 261 2.46 -7.63 -5.65
C TYR A 261 3.60 -6.74 -5.15
N LEU A 262 3.42 -5.43 -5.31
CA LEU A 262 4.29 -4.43 -4.72
C LEU A 262 3.65 -4.01 -3.42
N CYS A 263 4.26 -4.31 -2.29
CA CYS A 263 3.55 -4.10 -1.02
C CYS A 263 4.07 -2.99 -0.12
N ASP A 264 5.20 -2.38 -0.48
CA ASP A 264 5.76 -1.31 0.34
C ASP A 264 6.73 -0.41 -0.43
N VAL A 265 6.61 0.89 -0.24
CA VAL A 265 7.56 1.82 -0.83
C VAL A 265 8.12 2.79 0.21
N THR A 266 9.40 2.69 0.52
CA THR A 266 9.97 3.58 1.52
C THR A 266 11.27 4.21 1.04
N TRP A 267 11.38 5.53 1.13
CA TRP A 267 12.64 6.19 0.76
C TRP A 267 13.63 6.13 1.91
N ALA A 268 14.88 5.80 1.60
CA ALA A 268 15.93 5.73 2.60
C ALA A 268 16.69 7.05 2.74
N THR A 269 17.21 7.57 1.64
CA THR A 269 17.89 8.86 1.64
C THR A 269 17.48 9.65 0.41
N GLN A 270 18.04 10.83 0.18
CA GLN A 270 17.66 11.62 -1.00
C GLN A 270 17.87 10.86 -2.31
N GLU A 271 18.69 9.82 -2.27
CA GLU A 271 19.03 9.09 -3.48
C GLU A 271 19.00 7.58 -3.25
N ARG A 272 18.37 7.11 -2.18
CA ARG A 272 18.24 5.67 -1.99
C ARG A 272 16.77 5.29 -1.77
N ILE A 273 16.30 4.25 -2.46
CA ILE A 273 14.89 3.87 -2.31
C ILE A 273 14.79 2.39 -1.94
N SER A 274 13.78 2.04 -1.15
CA SER A 274 13.56 0.61 -0.86
C SER A 274 12.17 0.19 -1.26
N LEU A 275 12.09 -0.95 -1.95
CA LEU A 275 10.83 -1.46 -2.45
C LEU A 275 10.62 -2.78 -1.79
N GLN A 276 9.41 -3.10 -1.35
CA GLN A 276 9.16 -4.47 -0.88
C GLN A 276 8.16 -5.18 -1.79
N TRP A 277 8.50 -6.39 -2.23
CA TRP A 277 7.60 -7.15 -3.08
C TRP A 277 7.15 -8.40 -2.35
N LEU A 278 5.96 -8.88 -2.68
CA LEU A 278 5.37 -10.06 -2.02
C LEU A 278 4.82 -11.05 -3.05
N ARG A 279 5.16 -12.33 -2.93
CA ARG A 279 4.60 -13.34 -3.84
C ARG A 279 3.11 -13.50 -3.63
N ARG A 280 2.36 -13.86 -4.69
CA ARG A 280 0.91 -14.00 -4.56
C ARG A 280 0.51 -15.00 -3.47
N ILE A 281 1.34 -16.03 -3.30
CA ILE A 281 1.29 -16.89 -2.13
C ILE A 281 2.04 -16.12 -1.07
N GLN A 282 1.34 -15.47 -0.16
CA GLN A 282 1.97 -14.49 0.72
C GLN A 282 2.89 -15.10 1.83
N ASN A 283 3.62 -16.13 1.42
CA ASN A 283 4.61 -16.86 2.19
C ASN A 283 5.98 -16.19 2.16
N TYR A 284 6.19 -15.30 1.19
CA TYR A 284 7.53 -14.98 0.73
C TYR A 284 7.61 -13.56 0.14
N SER A 285 8.48 -12.72 0.71
CA SER A 285 8.64 -11.36 0.21
C SER A 285 10.12 -10.95 0.13
N VAL A 286 10.45 -9.97 -0.72
CA VAL A 286 11.84 -9.51 -0.87
C VAL A 286 11.93 -8.00 -0.87
N MET A 287 12.84 -7.47 -0.06
CA MET A 287 13.12 -6.03 -0.08
C MET A 287 14.30 -5.75 -1.00
N ASP A 288 14.14 -4.76 -1.87
CA ASP A 288 15.15 -4.37 -2.84
C ASP A 288 15.60 -2.96 -2.48
N ILE A 289 16.90 -2.70 -2.50
CA ILE A 289 17.43 -1.38 -2.14
C ILE A 289 18.19 -0.75 -3.31
N CYS A 290 17.64 0.32 -3.87
CA CYS A 290 18.13 0.87 -5.13
C CYS A 290 18.75 2.25 -4.96
N ASP A 291 20.00 2.41 -5.44
CA ASP A 291 20.70 3.69 -5.35
C ASP A 291 20.61 4.43 -6.67
N TYR A 292 20.55 5.75 -6.61
CA TYR A 292 20.53 6.55 -7.82
C TYR A 292 21.96 6.73 -8.33
N ASP A 293 22.10 6.73 -9.65
CA ASP A 293 23.40 6.65 -10.31
C ASP A 293 23.64 7.98 -11.00
N GLU A 294 24.35 8.90 -10.33
CA GLU A 294 24.46 10.28 -10.80
C GLU A 294 24.88 10.44 -12.25
N SER A 295 25.69 9.51 -12.76
CA SER A 295 26.09 9.58 -14.16
C SER A 295 25.00 9.06 -15.14
N SER A 296 24.65 7.78 -15.05
CA SER A 296 23.76 7.14 -16.03
C SER A 296 22.31 7.63 -15.99
N GLY A 297 21.90 8.17 -14.84
CA GLY A 297 20.56 8.67 -14.63
C GLY A 297 19.58 7.59 -14.20
N ARG A 298 20.07 6.37 -14.02
CA ARG A 298 19.21 5.24 -13.67
C ARG A 298 19.21 4.88 -12.18
N TRP A 299 18.66 3.71 -11.88
CA TRP A 299 18.60 3.22 -10.51
C TRP A 299 19.22 1.85 -10.40
N ASN A 300 20.30 1.76 -9.65
CA ASN A 300 21.01 0.50 -9.42
C ASN A 300 20.55 -0.30 -8.18
N CYS A 301 20.03 -1.50 -8.41
CA CYS A 301 19.60 -2.34 -7.29
C CYS A 301 20.49 -3.54 -7.14
N LEU A 302 21.55 -3.41 -6.34
CA LEU A 302 22.46 -4.55 -6.15
C LEU A 302 21.78 -5.72 -5.42
N VAL A 303 21.84 -6.91 -6.02
CA VAL A 303 21.57 -8.13 -5.28
C VAL A 303 22.47 -8.10 -4.04
N ALA A 304 22.15 -8.87 -3.00
CA ALA A 304 22.95 -8.85 -1.78
C ALA A 304 22.83 -7.53 -1.03
N ARG A 305 22.03 -6.63 -1.60
CA ARG A 305 21.34 -5.63 -0.82
C ARG A 305 19.87 -6.08 -0.67
N GLN A 306 19.50 -7.14 -1.37
CA GLN A 306 18.16 -7.71 -1.25
C GLN A 306 18.01 -8.39 0.10
N HIS A 307 16.80 -8.38 0.64
CA HIS A 307 16.52 -9.02 1.92
C HIS A 307 15.24 -9.86 1.89
N ILE A 308 15.40 -11.17 1.97
CA ILE A 308 14.29 -12.11 1.88
C ILE A 308 13.61 -12.31 3.23
N GLU A 309 12.29 -12.36 3.21
CA GLU A 309 11.47 -12.55 4.41
C GLU A 309 10.50 -13.71 4.12
N MET A 310 10.55 -14.77 4.93
CA MET A 310 9.71 -15.94 4.72
C MET A 310 8.95 -16.25 5.96
N SER A 311 7.78 -16.84 5.79
CA SER A 311 6.99 -17.31 6.91
C SER A 311 6.84 -18.79 6.70
N THR A 312 7.03 -19.57 7.75
CA THR A 312 6.94 -21.00 7.59
C THR A 312 5.60 -21.47 8.12
N THR A 313 4.88 -20.57 8.78
CA THR A 313 3.60 -20.94 9.40
C THR A 313 2.41 -20.05 9.04
N GLY A 314 2.56 -19.24 8.01
CA GLY A 314 1.45 -18.43 7.57
C GLY A 314 1.88 -17.43 6.54
N TRP A 315 1.58 -16.16 6.78
CA TRP A 315 1.89 -15.07 5.88
C TRP A 315 2.94 -14.14 6.49
N VAL A 316 3.56 -13.32 5.63
CA VAL A 316 4.53 -12.33 6.07
C VAL A 316 3.87 -11.09 6.63
N GLY A 317 4.25 -10.70 7.85
CA GLY A 317 3.70 -9.50 8.44
C GLY A 317 2.34 -9.72 9.07
N ARG A 318 1.81 -8.70 9.72
CA ARG A 318 0.49 -8.79 10.32
C ARG A 318 -0.55 -8.77 9.19
N PHE A 319 -0.48 -7.75 8.33
CA PHE A 319 -1.29 -7.73 7.12
C PHE A 319 -0.45 -7.72 5.86
N ARG A 320 0.57 -6.89 5.82
CA ARG A 320 1.58 -6.92 4.77
C ARG A 320 2.93 -7.01 5.45
N PRO A 321 4.02 -7.18 4.69
CA PRO A 321 5.32 -6.99 5.34
C PRO A 321 5.45 -5.59 5.95
N SER A 322 6.18 -5.47 7.05
CA SER A 322 6.35 -4.18 7.72
C SER A 322 7.36 -3.27 7.04
N GLU A 323 7.20 -1.97 7.20
CA GLU A 323 8.10 -1.01 6.56
C GLU A 323 9.36 -0.73 7.38
N PRO A 324 10.48 -0.51 6.70
CA PRO A 324 11.74 -0.22 7.38
C PRO A 324 11.86 1.25 7.67
N HIS A 325 12.56 1.58 8.75
CA HIS A 325 12.93 2.96 9.04
C HIS A 325 14.44 3.02 8.93
N PHE A 326 14.94 3.76 7.94
CA PHE A 326 16.39 3.82 7.73
C PHE A 326 17.06 4.78 8.70
N THR A 327 18.35 4.57 8.94
CA THR A 327 19.11 5.56 9.68
C THR A 327 19.36 6.70 8.72
N LEU A 328 20.06 7.73 9.19
CA LEU A 328 20.25 8.92 8.37
C LEU A 328 21.12 8.64 7.16
N ASP A 329 22.14 7.80 7.32
CA ASP A 329 23.00 7.49 6.19
C ASP A 329 22.41 6.42 5.26
N GLY A 330 21.29 5.83 5.66
CA GLY A 330 20.67 4.81 4.84
C GLY A 330 21.50 3.56 4.64
N ASN A 331 22.47 3.28 5.53
CA ASN A 331 23.23 2.04 5.42
C ASN A 331 22.78 0.99 6.39
N SER A 332 21.95 1.38 7.34
CA SER A 332 21.32 0.41 8.23
C SER A 332 19.87 0.83 8.45
N PHE A 333 19.04 -0.12 8.88
CA PHE A 333 17.62 0.20 9.08
C PHE A 333 16.97 -0.67 10.15
N TYR A 334 15.93 -0.14 10.79
CA TYR A 334 15.18 -0.89 11.79
C TYR A 334 13.80 -1.34 11.25
N LYS A 335 13.36 -2.55 11.59
CA LYS A 335 12.16 -3.12 10.97
C LYS A 335 11.49 -4.13 11.90
N ILE A 336 10.17 -4.03 12.09
CA ILE A 336 9.47 -5.00 12.95
C ILE A 336 9.45 -6.35 12.26
N ILE A 337 9.86 -7.40 12.98
CA ILE A 337 10.02 -8.76 12.45
C ILE A 337 9.53 -9.74 13.51
N SER A 338 8.98 -10.87 13.12
CA SER A 338 8.56 -11.86 14.12
C SER A 338 9.74 -12.76 14.49
N ASN A 339 10.06 -12.87 15.78
CA ASN A 339 11.21 -13.69 16.21
C ASN A 339 10.91 -15.17 16.45
N GLU A 340 11.92 -15.88 16.94
CA GLU A 340 11.85 -17.34 17.09
C GLU A 340 10.65 -17.78 17.91
N GLU A 341 10.25 -16.99 18.90
CA GLU A 341 9.10 -17.36 19.70
C GLU A 341 7.81 -16.98 18.99
N GLY A 342 7.95 -16.33 17.83
CA GLY A 342 6.81 -15.84 17.10
C GLY A 342 6.21 -14.54 17.63
N TYR A 343 7.01 -13.75 18.33
CA TYR A 343 6.56 -12.44 18.80
C TYR A 343 7.26 -11.37 18.00
N ARG A 344 6.51 -10.31 17.65
CA ARG A 344 6.99 -9.27 16.76
C ARG A 344 7.78 -8.20 17.50
N HIS A 345 9.07 -8.16 17.19
CA HIS A 345 10.01 -7.24 17.80
C HIS A 345 10.89 -6.51 16.79
N ILE A 346 11.53 -5.45 17.25
CA ILE A 346 12.31 -4.57 16.39
C ILE A 346 13.64 -5.21 15.98
N CYS A 347 13.92 -5.23 14.69
CA CYS A 347 15.15 -5.85 14.19
C CYS A 347 16.04 -4.77 13.57
N TYR A 348 17.35 -4.91 13.74
CA TYR A 348 18.32 -3.93 13.24
C TYR A 348 19.19 -4.55 12.16
N PHE A 349 19.12 -3.99 10.95
CA PHE A 349 19.66 -4.57 9.70
C PHE A 349 20.77 -3.71 9.12
N GLN A 350 21.70 -4.35 8.41
CA GLN A 350 22.68 -3.64 7.61
C GLN A 350 22.28 -3.88 6.17
N ILE A 351 22.34 -2.85 5.32
CA ILE A 351 21.77 -3.02 3.98
C ILE A 351 22.49 -4.09 3.17
N ASP A 352 23.72 -4.44 3.53
CA ASP A 352 24.44 -5.50 2.81
C ASP A 352 24.62 -6.81 3.55
N LYS A 353 24.11 -6.90 4.78
CA LYS A 353 24.18 -8.15 5.56
C LYS A 353 22.81 -8.83 5.68
N LYS A 354 22.75 -10.10 5.28
CA LYS A 354 21.54 -10.90 5.36
C LYS A 354 21.01 -10.99 6.79
N ASP A 355 21.89 -11.21 7.77
CA ASP A 355 21.39 -11.35 9.13
C ASP A 355 21.10 -10.00 9.79
N CYS A 356 20.26 -10.06 10.82
CA CYS A 356 19.76 -8.88 11.53
C CYS A 356 19.84 -9.19 13.01
N THR A 357 19.85 -8.14 13.83
CA THR A 357 19.93 -8.33 15.27
C THR A 357 18.76 -7.68 16.03
N PHE A 358 18.09 -8.48 16.86
CA PHE A 358 16.93 -8.01 17.61
C PHE A 358 17.31 -7.07 18.72
N ILE A 359 16.59 -5.96 18.86
CA ILE A 359 16.89 -4.99 19.89
C ILE A 359 15.85 -4.99 21.01
N THR A 360 14.77 -5.75 20.83
CA THR A 360 13.80 -6.00 21.89
C THR A 360 13.35 -7.47 21.88
N LYS A 361 12.97 -7.99 23.04
CA LYS A 361 12.49 -9.37 23.17
C LYS A 361 11.39 -9.43 24.23
N GLY A 362 10.65 -10.53 24.28
CA GLY A 362 9.62 -10.64 25.31
C GLY A 362 8.31 -11.18 24.82
N THR A 363 7.45 -11.63 25.75
CA THR A 363 6.14 -12.15 25.39
C THR A 363 5.11 -11.03 25.39
N TRP A 364 5.29 -10.14 24.41
CA TRP A 364 4.48 -8.94 24.15
C TRP A 364 4.97 -8.50 22.78
N GLU A 365 4.33 -7.52 22.16
CA GLU A 365 4.73 -7.19 20.78
C GLU A 365 4.94 -5.70 20.51
N VAL A 366 5.82 -5.40 19.55
CA VAL A 366 5.99 -4.00 19.12
C VAL A 366 4.88 -3.68 18.14
N ILE A 367 4.10 -2.65 18.45
CA ILE A 367 2.98 -2.27 17.59
C ILE A 367 3.48 -1.52 16.39
N GLY A 368 4.21 -0.43 16.62
CA GLY A 368 4.82 0.32 15.54
C GLY A 368 6.06 1.11 15.91
N ILE A 369 7.01 1.21 14.98
CA ILE A 369 8.17 2.09 15.15
C ILE A 369 7.74 3.52 14.84
N GLU A 370 7.80 4.40 15.84
CA GLU A 370 7.26 5.75 15.68
C GLU A 370 8.23 6.87 15.25
N ALA A 371 9.48 6.81 15.69
CA ALA A 371 10.44 7.85 15.30
C ALA A 371 11.86 7.38 15.53
N LEU A 372 12.81 7.88 14.74
CA LEU A 372 14.18 7.42 14.91
C LEU A 372 15.20 8.55 14.85
N THR A 373 15.85 8.81 15.96
CA THR A 373 16.94 9.78 15.96
C THR A 373 18.27 9.02 16.01
N SER A 374 19.37 9.74 16.12
CA SER A 374 20.66 9.08 16.15
C SER A 374 20.87 8.36 17.47
N ASP A 375 20.24 8.86 18.53
CA ASP A 375 20.49 8.36 19.88
C ASP A 375 19.45 7.36 20.34
N TYR A 376 18.21 7.53 19.86
CA TYR A 376 17.05 6.82 20.38
C TYR A 376 16.09 6.36 19.29
N LEU A 377 15.44 5.22 19.49
CA LEU A 377 14.31 4.81 18.67
C LEU A 377 13.06 4.87 19.54
N TYR A 378 12.02 5.51 19.03
CA TYR A 378 10.75 5.65 19.73
C TYR A 378 9.75 4.70 19.12
N TYR A 379 9.16 3.83 19.95
CA TYR A 379 8.24 2.82 19.44
C TYR A 379 7.06 2.59 20.39
N ILE A 380 5.95 2.06 19.88
CA ILE A 380 4.78 1.77 20.69
C ILE A 380 4.60 0.27 20.88
N SER A 381 4.30 -0.18 22.08
CA SER A 381 4.07 -1.61 22.30
C SER A 381 3.07 -1.86 23.41
N ASN A 382 2.77 -3.14 23.63
CA ASN A 382 1.81 -3.52 24.65
C ASN A 382 2.45 -4.31 25.80
N GLU A 383 3.68 -3.94 26.16
CA GLU A 383 4.44 -4.62 27.21
C GLU A 383 3.87 -4.42 28.62
N TYR A 384 3.45 -3.19 28.89
CA TYR A 384 2.93 -2.79 30.19
C TYR A 384 1.90 -3.77 30.73
N LYS A 385 2.09 -4.14 32.00
CA LYS A 385 1.20 -5.04 32.74
C LYS A 385 0.76 -6.25 31.94
N GLY A 386 1.58 -6.66 30.97
CA GLY A 386 1.25 -7.77 30.10
C GLY A 386 -0.12 -7.73 29.43
N MET A 387 -0.63 -6.54 29.16
CA MET A 387 -1.95 -6.43 28.55
C MET A 387 -1.83 -6.22 27.03
N PRO A 388 -2.32 -7.19 26.23
CA PRO A 388 -2.19 -7.07 24.76
C PRO A 388 -3.09 -5.97 24.26
N GLY A 389 -4.03 -5.54 25.09
CA GLY A 389 -5.00 -4.56 24.66
C GLY A 389 -4.62 -3.13 24.98
N GLY A 390 -3.49 -2.92 25.65
CA GLY A 390 -3.00 -1.58 25.94
C GLY A 390 -1.94 -1.11 24.96
N ARG A 391 -1.65 0.18 24.96
CA ARG A 391 -0.62 0.74 24.09
C ARG A 391 0.15 1.77 24.90
N ASN A 392 1.49 1.77 24.81
CA ASN A 392 2.32 2.85 25.39
C ASN A 392 3.53 3.22 24.56
N LEU A 393 4.00 4.45 24.73
CA LEU A 393 5.19 4.93 24.02
C LEU A 393 6.45 4.63 24.81
N TYR A 394 7.37 3.92 24.17
CA TYR A 394 8.67 3.60 24.74
C TYR A 394 9.76 4.24 23.91
N LYS A 395 10.93 4.48 24.50
CA LYS A 395 12.10 4.86 23.72
C LYS A 395 13.29 4.00 24.12
N ILE A 396 14.05 3.52 23.14
CA ILE A 396 15.12 2.59 23.41
C ILE A 396 16.46 3.20 23.03
N GLN A 397 17.46 3.06 23.90
CA GLN A 397 18.73 3.71 23.61
C GLN A 397 19.53 2.90 22.59
N LEU A 398 19.96 3.56 21.52
CA LEU A 398 20.55 2.84 20.40
C LEU A 398 21.93 2.31 20.71
N SER A 399 22.58 2.88 21.72
CA SER A 399 23.87 2.36 22.17
C SER A 399 23.73 1.31 23.29
N ASP A 400 22.58 1.25 23.94
CA ASP A 400 22.39 0.28 25.00
C ASP A 400 20.95 -0.25 25.02
N TYR A 401 20.73 -1.39 24.38
CA TYR A 401 19.39 -1.92 24.20
C TYR A 401 18.72 -2.28 25.54
N THR A 402 19.50 -2.19 26.61
CA THR A 402 19.01 -2.49 27.96
C THR A 402 18.41 -1.22 28.57
N LYS A 403 18.76 -0.09 27.96
CA LYS A 403 18.32 1.23 28.42
C LYS A 403 17.04 1.66 27.69
N VAL A 404 15.95 0.98 28.01
CA VAL A 404 14.67 1.32 27.40
C VAL A 404 13.76 1.89 28.46
N THR A 405 13.22 3.06 28.16
CA THR A 405 12.45 3.85 29.12
C THR A 405 11.01 4.11 28.60
N CYS A 406 10.06 4.23 29.53
CA CYS A 406 8.66 4.30 29.14
C CYS A 406 8.03 5.68 29.31
N LEU A 407 7.84 6.37 28.19
CA LEU A 407 7.43 7.76 28.18
C LEU A 407 5.97 8.04 28.56
N SER A 408 5.13 7.01 28.67
CA SER A 408 3.70 7.22 28.93
C SER A 408 2.98 6.43 30.07
N CYS A 409 3.52 5.28 30.47
CA CYS A 409 2.91 4.45 31.54
C CYS A 409 2.68 5.13 32.89
N GLU A 410 3.49 6.12 33.21
CA GLU A 410 3.36 6.77 34.50
C GLU A 410 2.67 8.13 34.39
N LEU A 411 2.40 8.55 33.16
CA LEU A 411 1.81 9.86 32.95
C LEU A 411 0.49 9.99 33.71
N ASN A 412 -0.34 8.95 33.67
CA ASN A 412 -1.65 9.03 34.25
C ASN A 412 -2.34 7.71 34.43
N PRO A 413 -1.68 6.75 35.11
CA PRO A 413 -1.93 5.30 35.00
C PRO A 413 -3.38 4.80 35.01
N GLU A 414 -4.22 5.30 35.92
CA GLU A 414 -5.61 4.84 35.99
C GLU A 414 -6.49 5.34 34.84
N ARG A 415 -6.10 6.44 34.19
CA ARG A 415 -6.87 7.01 33.10
C ARG A 415 -6.36 6.67 31.70
N CYS A 416 -5.04 6.50 31.55
CA CYS A 416 -4.47 6.37 30.23
C CYS A 416 -3.66 5.13 30.00
N GLN A 417 -4.18 4.23 29.17
CA GLN A 417 -3.50 2.96 28.88
C GLN A 417 -3.45 2.69 27.38
N TYR A 418 -3.92 3.65 26.60
CA TYR A 418 -3.92 3.53 25.13
C TYR A 418 -3.38 4.79 24.46
N TYR A 419 -2.09 4.79 24.15
CA TYR A 419 -1.46 5.98 23.61
C TYR A 419 -1.11 5.82 22.13
N SER A 420 -1.24 6.91 21.38
CA SER A 420 -0.63 7.03 20.06
C SER A 420 0.14 8.34 20.06
N VAL A 421 1.13 8.48 19.19
CA VAL A 421 2.03 9.62 19.26
C VAL A 421 2.19 10.31 17.92
N SER A 422 2.30 11.64 17.92
CA SER A 422 2.70 12.37 16.72
C SER A 422 3.93 13.21 16.99
N PHE A 423 5.04 12.91 16.31
CA PHE A 423 6.30 13.61 16.53
C PHE A 423 6.54 14.84 15.64
N SER A 424 7.13 15.87 16.22
CA SER A 424 7.59 17.02 15.47
C SER A 424 8.67 16.59 14.45
N LYS A 425 9.09 17.52 13.61
CA LYS A 425 9.86 17.20 12.42
C LYS A 425 11.22 16.50 12.66
N GLU A 426 11.88 16.77 13.78
CA GLU A 426 13.07 15.99 14.11
C GLU A 426 13.00 15.30 15.48
N ALA A 427 11.79 14.90 15.83
CA ALA A 427 11.48 14.31 17.12
C ALA A 427 11.92 15.20 18.29
N LYS A 428 11.83 16.52 18.11
CA LYS A 428 12.09 17.48 19.18
C LYS A 428 10.94 17.51 20.17
N TYR A 429 9.72 17.59 19.66
CA TYR A 429 8.52 17.60 20.47
C TYR A 429 7.60 16.50 19.96
N TYR A 430 6.66 16.10 20.81
CA TYR A 430 5.68 15.14 20.39
C TYR A 430 4.39 15.37 21.14
N GLN A 431 3.30 15.03 20.48
CA GLN A 431 1.98 15.09 21.09
C GLN A 431 1.60 13.67 21.43
N LEU A 432 0.99 13.50 22.60
CA LEU A 432 0.50 12.22 23.03
C LEU A 432 -1.02 12.27 23.01
N ARG A 433 -1.62 11.29 22.33
CA ARG A 433 -3.06 11.09 22.29
C ARG A 433 -3.38 9.87 23.16
N CYS A 434 -4.19 10.07 24.19
CA CYS A 434 -4.65 8.99 25.09
C CYS A 434 -6.09 8.60 24.72
N SER A 435 -6.39 7.32 24.53
CA SER A 435 -7.73 6.94 24.04
C SER A 435 -8.68 6.28 25.03
N GLY A 436 -8.17 5.95 26.23
CA GLY A 436 -8.93 5.23 27.23
C GLY A 436 -7.96 4.70 28.29
N PRO A 437 -8.48 4.09 29.38
CA PRO A 437 -9.91 3.89 29.66
C PRO A 437 -10.72 5.14 30.04
N GLY A 438 -10.08 6.19 30.55
CA GLY A 438 -10.81 7.40 30.87
C GLY A 438 -11.08 8.18 29.61
N LEU A 439 -11.57 9.40 29.72
CA LEU A 439 -11.77 10.22 28.54
C LEU A 439 -10.46 10.58 27.86
N PRO A 440 -10.44 10.63 26.52
CA PRO A 440 -9.21 10.94 25.81
C PRO A 440 -8.54 12.22 26.27
N LEU A 441 -7.21 12.15 26.42
CA LEU A 441 -6.41 13.28 26.88
C LEU A 441 -5.32 13.55 25.87
N TYR A 442 -5.13 14.82 25.51
CA TYR A 442 -4.14 15.18 24.53
C TYR A 442 -3.15 16.13 25.16
N THR A 443 -1.90 15.71 25.18
CA THR A 443 -0.83 16.52 25.78
C THR A 443 0.36 16.75 24.85
N LEU A 444 1.24 17.64 25.29
CA LEU A 444 2.41 17.97 24.51
C LEU A 444 3.66 17.82 25.37
N HIS A 445 4.71 17.27 24.76
CA HIS A 445 5.95 16.98 25.44
C HIS A 445 7.16 17.37 24.58
N SER A 446 8.29 17.69 25.22
CA SER A 446 9.56 17.86 24.50
C SER A 446 10.38 16.61 24.77
N SER A 447 11.08 16.10 23.77
CA SER A 447 11.72 14.81 23.95
C SER A 447 13.13 14.95 24.49
N VAL A 448 13.58 16.20 24.62
CA VAL A 448 14.90 16.49 25.15
C VAL A 448 15.04 15.94 26.57
N ASN A 449 14.11 16.32 27.43
CA ASN A 449 14.10 15.87 28.82
C ASN A 449 12.74 15.26 29.22
N ASP A 450 11.91 15.04 28.21
CA ASP A 450 10.59 14.38 28.34
C ASP A 450 9.54 15.17 29.15
N LYS A 451 9.79 16.47 29.32
CA LYS A 451 8.89 17.36 30.05
C LYS A 451 7.56 17.64 29.33
N GLY A 452 6.47 17.61 30.10
CA GLY A 452 5.12 17.77 29.56
C GLY A 452 4.58 19.19 29.67
N LEU A 453 5.09 20.05 28.80
CA LEU A 453 4.79 21.49 28.80
C LEU A 453 3.30 21.92 28.88
N ARG A 454 2.38 21.12 28.34
CA ARG A 454 1.04 21.62 28.03
C ARG A 454 -0.02 20.53 27.99
N VAL A 455 -1.22 20.83 28.49
CA VAL A 455 -2.38 19.97 28.26
C VAL A 455 -3.22 20.55 27.12
N LEU A 456 -3.25 19.85 25.99
CA LEU A 456 -3.93 20.38 24.82
C LEU A 456 -5.44 20.26 24.93
N GLU A 457 -5.93 19.13 25.43
CA GLU A 457 -7.39 18.95 25.54
C GLU A 457 -7.74 17.79 26.45
N ASP A 458 -8.65 18.02 27.38
CA ASP A 458 -8.93 17.04 28.43
C ASP A 458 -10.38 16.57 28.51
N ASN A 459 -11.25 17.10 27.66
CA ASN A 459 -12.66 16.70 27.68
C ASN A 459 -13.34 16.92 29.04
N SER A 460 -13.13 18.11 29.59
CA SER A 460 -13.78 18.49 30.85
C SER A 460 -15.28 18.66 30.64
N ALA A 461 -15.66 19.30 29.54
CA ALA A 461 -17.05 19.59 29.23
C ALA A 461 -17.84 18.30 29.12
N LEU A 462 -17.27 17.36 28.39
CA LEU A 462 -17.83 16.03 28.25
C LEU A 462 -17.91 15.32 29.59
N ASP A 463 -16.85 15.43 30.39
CA ASP A 463 -16.85 14.79 31.72
C ASP A 463 -18.02 15.29 32.55
N LYS A 464 -18.18 16.62 32.52
CA LYS A 464 -19.26 17.32 33.18
C LYS A 464 -20.58 16.71 32.77
N MET A 465 -20.83 16.69 31.45
CA MET A 465 -22.05 16.07 30.94
C MET A 465 -22.27 14.67 31.45
N LEU A 466 -21.25 13.81 31.35
CA LEU A 466 -21.43 12.41 31.72
C LEU A 466 -21.68 12.17 33.22
N GLN A 467 -21.35 13.16 34.06
CA GLN A 467 -21.65 13.03 35.49
C GLN A 467 -23.15 12.81 35.69
N ASN A 468 -23.93 13.51 34.87
CA ASN A 468 -25.38 13.53 34.99
C ASN A 468 -26.13 12.52 34.10
N VAL A 469 -25.47 11.38 33.83
CA VAL A 469 -26.12 10.25 33.14
C VAL A 469 -25.63 8.91 33.71
N GLN A 470 -26.50 7.91 33.78
CA GLN A 470 -26.12 6.61 34.31
C GLN A 470 -25.25 5.84 33.31
N MET A 471 -23.95 6.06 33.34
CA MET A 471 -23.05 5.40 32.40
C MET A 471 -22.75 3.96 32.79
N PRO A 472 -22.49 3.12 31.78
CA PRO A 472 -22.13 1.73 32.08
C PRO A 472 -20.67 1.67 32.44
N SER A 473 -20.25 0.61 33.11
CA SER A 473 -18.86 0.39 33.42
C SER A 473 -18.28 -0.61 32.42
N LYS A 474 -16.96 -0.69 32.35
CA LYS A 474 -16.31 -1.62 31.43
C LYS A 474 -15.36 -2.52 32.20
N LYS A 475 -15.45 -3.82 31.99
CA LYS A 475 -14.50 -4.73 32.60
C LYS A 475 -13.63 -5.29 31.48
N LEU A 476 -12.32 -5.38 31.72
CA LEU A 476 -11.42 -5.97 30.73
C LEU A 476 -10.57 -7.01 31.44
N ASP A 477 -10.64 -8.25 30.98
CA ASP A 477 -10.01 -9.34 31.74
C ASP A 477 -9.70 -10.47 30.80
N PHE A 478 -9.25 -11.61 31.30
CA PHE A 478 -8.93 -12.75 30.46
C PHE A 478 -9.46 -14.06 31.05
N ILE A 479 -9.52 -15.10 30.23
CA ILE A 479 -9.76 -16.45 30.75
C ILE A 479 -8.66 -17.37 30.24
N ILE A 480 -8.59 -18.58 30.77
CA ILE A 480 -7.50 -19.47 30.45
C ILE A 480 -7.99 -20.76 29.81
N LEU A 481 -7.69 -20.92 28.52
CA LEU A 481 -7.92 -22.18 27.82
C LEU A 481 -6.58 -22.73 27.35
N ASN A 482 -6.36 -24.03 27.57
CA ASN A 482 -5.12 -24.71 27.18
C ASN A 482 -3.89 -23.92 27.54
N GLU A 483 -3.79 -23.53 28.81
CA GLU A 483 -2.60 -22.86 29.31
C GLU A 483 -2.29 -21.62 28.50
N THR A 484 -3.31 -20.88 28.06
CA THR A 484 -3.12 -19.63 27.31
C THR A 484 -4.17 -18.59 27.70
N LYS A 485 -3.78 -17.31 27.74
CA LYS A 485 -4.72 -16.27 28.14
C LYS A 485 -5.47 -15.71 26.94
N PHE A 486 -6.79 -15.67 27.04
CA PHE A 486 -7.61 -15.02 26.02
C PHE A 486 -8.43 -13.91 26.66
N TRP A 487 -8.14 -12.66 26.28
CA TRP A 487 -8.82 -11.48 26.82
C TRP A 487 -10.23 -11.33 26.28
N TYR A 488 -11.08 -10.69 27.09
CA TYR A 488 -12.41 -10.27 26.68
C TYR A 488 -12.66 -8.91 27.32
N GLN A 489 -13.63 -8.19 26.78
CA GLN A 489 -14.19 -7.05 27.48
C GLN A 489 -15.70 -7.18 27.66
N MET A 490 -16.24 -6.53 28.69
CA MET A 490 -17.68 -6.46 28.86
C MET A 490 -18.11 -5.04 29.15
N ILE A 491 -19.22 -4.63 28.54
CA ILE A 491 -19.86 -3.39 28.88
C ILE A 491 -21.03 -3.78 29.76
N LEU A 492 -21.00 -3.25 30.99
CA LEU A 492 -21.89 -3.65 32.06
C LEU A 492 -22.83 -2.49 32.39
N PRO A 493 -24.14 -2.80 32.48
CA PRO A 493 -25.13 -1.75 32.74
C PRO A 493 -24.92 -1.06 34.09
N PRO A 494 -25.42 0.18 34.23
CA PRO A 494 -25.37 0.90 35.50
C PRO A 494 -26.00 0.07 36.59
N HIS A 495 -25.46 0.17 37.80
CA HIS A 495 -26.02 -0.47 38.97
C HIS A 495 -25.94 -1.96 38.84
N PHE A 496 -24.94 -2.43 38.10
CA PHE A 496 -24.76 -3.83 37.81
C PHE A 496 -24.79 -4.74 39.05
N ASP A 497 -25.89 -5.48 39.20
CA ASP A 497 -26.09 -6.36 40.34
C ASP A 497 -25.63 -7.79 40.01
N LYS A 498 -24.41 -8.12 40.43
CA LYS A 498 -23.79 -9.41 40.14
C LYS A 498 -24.68 -10.64 40.39
N SER A 499 -25.77 -10.43 41.12
CA SER A 499 -26.66 -11.54 41.48
C SER A 499 -27.77 -11.79 40.44
N LYS A 500 -28.23 -10.73 39.79
CA LYS A 500 -29.31 -10.86 38.81
C LYS A 500 -28.78 -11.56 37.55
N LYS A 501 -29.65 -11.90 36.60
CA LYS A 501 -29.19 -12.52 35.36
C LYS A 501 -29.54 -11.68 34.14
N TYR A 502 -28.50 -11.15 33.50
CA TYR A 502 -28.62 -10.19 32.40
C TYR A 502 -28.58 -10.89 31.04
N PRO A 503 -29.34 -10.36 30.08
CA PRO A 503 -29.12 -10.83 28.71
C PRO A 503 -27.76 -10.33 28.22
N LEU A 504 -27.16 -11.09 27.31
CA LEU A 504 -25.82 -10.81 26.80
C LEU A 504 -25.81 -10.69 25.28
N LEU A 505 -25.05 -9.73 24.75
CA LEU A 505 -24.88 -9.58 23.29
C LEU A 505 -23.42 -9.65 22.92
N LEU A 506 -23.01 -10.73 22.30
CA LEU A 506 -21.63 -10.85 21.86
C LEU A 506 -21.38 -9.88 20.70
N ASP A 507 -20.41 -8.98 20.81
CA ASP A 507 -20.00 -8.11 19.70
C ASP A 507 -18.81 -8.78 19.07
N VAL A 508 -18.93 -9.22 17.82
CA VAL A 508 -17.90 -10.07 17.23
C VAL A 508 -17.27 -9.47 15.97
N TYR A 509 -15.96 -9.64 15.84
CA TYR A 509 -15.29 -9.43 14.56
C TYR A 509 -14.43 -10.66 14.24
N ALA A 510 -13.45 -10.92 15.10
CA ALA A 510 -12.73 -12.19 15.07
C ALA A 510 -11.87 -12.43 13.85
N GLY A 511 -11.76 -11.46 12.96
CA GLY A 511 -10.93 -11.64 11.79
C GLY A 511 -9.47 -11.76 12.17
N PRO A 512 -8.65 -12.35 11.29
CA PRO A 512 -7.22 -12.54 11.59
C PRO A 512 -6.50 -11.24 11.99
N CYS A 513 -5.76 -11.30 13.10
CA CYS A 513 -5.05 -10.17 13.66
C CYS A 513 -5.95 -9.05 14.18
N SER A 514 -7.16 -9.40 14.57
CA SER A 514 -8.06 -8.40 15.11
C SER A 514 -7.90 -8.33 16.60
N GLN A 515 -8.60 -7.38 17.20
CA GLN A 515 -8.54 -7.17 18.63
C GLN A 515 -9.71 -6.33 19.08
N LYS A 516 -10.74 -6.98 19.60
CA LYS A 516 -11.90 -6.27 20.12
C LYS A 516 -11.87 -5.99 21.62
N ALA A 517 -10.90 -6.59 22.33
CA ALA A 517 -10.72 -6.36 23.76
C ALA A 517 -9.54 -5.42 24.06
N ASP A 518 -9.86 -4.16 24.31
CA ASP A 518 -8.83 -3.16 24.46
C ASP A 518 -9.19 -2.24 25.61
N THR A 519 -8.37 -1.22 25.81
CA THR A 519 -8.57 -0.28 26.89
C THR A 519 -9.13 1.05 26.39
N VAL A 520 -9.62 1.06 25.15
CA VAL A 520 -10.15 2.30 24.56
C VAL A 520 -11.51 2.69 25.16
N PHE A 521 -11.71 3.97 25.40
CA PHE A 521 -12.99 4.47 25.86
C PHE A 521 -13.88 4.83 24.68
N ARG A 522 -15.14 4.39 24.71
CA ARG A 522 -16.05 4.57 23.59
C ARG A 522 -17.46 5.00 24.02
N LEU A 523 -18.12 5.75 23.15
CA LEU A 523 -19.52 6.10 23.30
C LEU A 523 -20.27 5.61 22.09
N ASN A 524 -20.89 4.44 22.21
CA ASN A 524 -21.53 3.87 21.05
C ASN A 524 -22.78 3.08 21.40
N TRP A 525 -23.38 2.43 20.41
CA TRP A 525 -24.62 1.79 20.73
C TRP A 525 -24.49 0.64 21.77
N ALA A 526 -23.29 0.12 21.99
CA ALA A 526 -23.13 -0.79 23.13
C ALA A 526 -23.33 -0.02 24.43
N THR A 527 -22.88 1.23 24.43
CA THR A 527 -23.18 2.12 25.54
C THR A 527 -24.69 2.23 25.65
N TYR A 528 -25.40 2.56 24.58
CA TYR A 528 -26.86 2.62 24.67
C TYR A 528 -27.53 1.34 25.23
N LEU A 529 -27.15 0.18 24.69
CA LEU A 529 -27.71 -1.08 25.13
C LEU A 529 -27.45 -1.33 26.62
N ALA A 530 -26.24 -1.05 27.07
CA ALA A 530 -25.93 -1.24 28.49
C ALA A 530 -26.64 -0.22 29.39
N SER A 531 -26.47 1.06 29.10
CA SER A 531 -27.08 2.11 29.91
C SER A 531 -28.60 2.00 29.98
N THR A 532 -29.25 1.88 28.82
CA THR A 532 -30.72 1.91 28.75
C THR A 532 -31.45 0.56 28.78
N GLU A 533 -30.88 -0.47 28.18
CA GLU A 533 -31.65 -1.71 28.05
C GLU A 533 -31.17 -2.77 29.01
N ASN A 534 -30.34 -2.36 29.97
CA ASN A 534 -29.71 -3.29 30.91
C ASN A 534 -29.26 -4.58 30.26
N ILE A 535 -28.48 -4.44 29.19
CA ILE A 535 -28.00 -5.61 28.49
C ILE A 535 -26.47 -5.60 28.41
N ILE A 536 -25.83 -6.69 28.81
CA ILE A 536 -24.38 -6.78 28.84
C ILE A 536 -23.88 -7.02 27.42
N VAL A 537 -22.91 -6.23 26.97
CA VAL A 537 -22.40 -6.41 25.61
C VAL A 537 -20.96 -6.86 25.71
N ALA A 538 -20.59 -7.95 25.03
CA ALA A 538 -19.26 -8.51 25.25
C ALA A 538 -18.49 -8.77 23.95
N SER A 539 -17.16 -8.58 24.00
CA SER A 539 -16.28 -9.00 22.91
C SER A 539 -15.17 -9.90 23.45
N PHE A 540 -14.67 -10.78 22.60
CA PHE A 540 -13.66 -11.76 23.03
C PHE A 540 -12.66 -11.95 21.90
N ASP A 541 -11.38 -12.01 22.22
CA ASP A 541 -10.35 -12.22 21.18
C ASP A 541 -9.79 -13.64 21.25
N GLY A 542 -10.30 -14.53 20.44
CA GLY A 542 -9.89 -15.91 20.52
C GLY A 542 -8.73 -16.20 19.61
N ARG A 543 -8.70 -17.41 19.06
CA ARG A 543 -7.62 -17.78 18.18
C ARG A 543 -7.58 -16.95 16.91
N GLY A 544 -6.37 -16.79 16.38
CA GLY A 544 -6.14 -15.93 15.23
C GLY A 544 -6.36 -14.46 15.51
N SER A 545 -5.96 -13.97 16.68
CA SER A 545 -6.10 -12.54 16.94
C SER A 545 -4.76 -11.88 17.15
N GLY A 546 -4.79 -10.56 17.17
CA GLY A 546 -3.57 -9.80 17.04
C GLY A 546 -2.79 -9.56 18.32
N TYR A 547 -1.52 -9.22 18.11
CA TYR A 547 -0.73 -8.56 19.11
C TYR A 547 -0.40 -9.46 20.28
N GLN A 548 -0.47 -10.77 20.07
CA GLN A 548 -0.12 -11.72 21.11
C GLN A 548 0.80 -12.77 20.60
N GLY A 549 1.48 -12.50 19.50
CA GLY A 549 2.34 -13.51 18.91
C GLY A 549 1.65 -14.45 17.95
N ASP A 550 2.48 -15.14 17.19
CA ASP A 550 2.02 -15.94 16.06
C ASP A 550 1.44 -17.29 16.44
N LYS A 551 1.74 -17.76 17.65
CA LYS A 551 1.11 -18.97 18.12
C LYS A 551 -0.40 -18.75 18.07
N ILE A 552 -0.86 -17.67 18.69
CA ILE A 552 -2.28 -17.30 18.58
C ILE A 552 -2.67 -16.81 17.18
N MET A 553 -1.90 -15.91 16.58
CA MET A 553 -2.35 -15.31 15.31
C MET A 553 -2.44 -16.29 14.14
N HIS A 554 -1.43 -17.13 13.96
CA HIS A 554 -1.39 -18.05 12.84
C HIS A 554 -2.21 -19.31 13.08
N ALA A 555 -2.82 -19.40 14.27
CA ALA A 555 -3.67 -20.55 14.65
C ALA A 555 -4.72 -20.89 13.61
N ILE A 556 -5.25 -19.90 12.89
CA ILE A 556 -6.30 -20.13 11.89
C ILE A 556 -5.78 -20.19 10.45
N ASN A 557 -4.46 -20.28 10.29
CA ASN A 557 -3.86 -20.35 8.96
C ASN A 557 -4.46 -21.45 8.09
N ARG A 558 -4.76 -21.08 6.85
CA ARG A 558 -5.38 -21.97 5.87
C ARG A 558 -6.76 -22.50 6.25
N ARG A 559 -7.32 -22.04 7.36
CA ARG A 559 -8.61 -22.59 7.81
C ARG A 559 -9.55 -21.63 8.53
N LEU A 560 -9.96 -20.57 7.82
CA LEU A 560 -10.94 -19.61 8.33
C LEU A 560 -12.27 -20.32 8.61
N GLY A 561 -13.07 -19.75 9.50
CA GLY A 561 -14.39 -20.26 9.79
C GLY A 561 -14.33 -21.57 10.57
N THR A 562 -13.21 -21.75 11.28
CA THR A 562 -13.07 -22.86 12.20
C THR A 562 -12.78 -22.37 13.63
N PHE A 563 -11.51 -22.33 13.98
CA PHE A 563 -11.11 -21.99 15.35
C PHE A 563 -11.74 -20.72 15.93
N GLU A 564 -11.81 -19.64 15.17
CA GLU A 564 -12.34 -18.38 15.72
C GLU A 564 -13.86 -18.44 16.01
N VAL A 565 -14.57 -19.20 15.18
CA VAL A 565 -15.98 -19.46 15.39
C VAL A 565 -16.17 -20.27 16.68
N GLU A 566 -15.42 -21.38 16.74
CA GLU A 566 -15.47 -22.27 17.91
C GLU A 566 -15.24 -21.44 19.16
N ASP A 567 -14.20 -20.62 19.13
CA ASP A 567 -13.83 -19.84 20.29
C ASP A 567 -14.87 -18.79 20.67
N GLN A 568 -15.53 -18.17 19.71
CA GLN A 568 -16.58 -17.23 20.08
C GLN A 568 -17.74 -17.96 20.82
N ILE A 569 -18.06 -19.18 20.35
CA ILE A 569 -19.02 -20.00 21.09
C ILE A 569 -18.52 -20.29 22.51
N GLU A 570 -17.29 -20.82 22.60
CA GLU A 570 -16.67 -21.14 23.87
C GLU A 570 -16.72 -19.97 24.84
N ALA A 571 -16.57 -18.75 24.32
CA ALA A 571 -16.64 -17.57 25.16
C ALA A 571 -18.05 -17.29 25.64
N ALA A 572 -19.06 -17.56 24.81
CA ALA A 572 -20.41 -17.45 25.37
C ALA A 572 -20.64 -18.46 26.52
N ARG A 573 -20.18 -19.70 26.33
CA ARG A 573 -20.25 -20.66 27.43
C ARG A 573 -19.56 -20.14 28.70
N GLN A 574 -18.27 -19.81 28.56
CA GLN A 574 -17.48 -19.28 29.65
C GLN A 574 -18.15 -18.10 30.34
N PHE A 575 -18.80 -17.24 29.57
CA PHE A 575 -19.58 -16.14 30.12
C PHE A 575 -20.78 -16.64 30.93
N SER A 576 -21.42 -17.70 30.47
CA SER A 576 -22.52 -18.35 31.23
C SER A 576 -22.05 -18.79 32.60
N LYS A 577 -20.91 -19.49 32.61
CA LYS A 577 -20.34 -20.03 33.84
C LYS A 577 -20.15 -18.96 34.92
N MET A 578 -20.02 -17.70 34.50
CA MET A 578 -19.81 -16.62 35.47
C MET A 578 -21.07 -16.33 36.30
N GLY A 579 -22.23 -16.77 35.81
CA GLY A 579 -23.44 -16.75 36.62
C GLY A 579 -24.28 -15.50 36.70
N PHE A 580 -23.91 -14.42 36.01
CA PHE A 580 -24.82 -13.27 35.91
C PHE A 580 -25.41 -13.10 34.51
N VAL A 581 -25.32 -14.17 33.72
CA VAL A 581 -25.82 -14.16 32.36
C VAL A 581 -27.03 -15.05 32.29
N ASP A 582 -28.14 -14.52 31.78
CA ASP A 582 -29.34 -15.32 31.56
C ASP A 582 -29.17 -16.13 30.28
N ASN A 583 -28.75 -17.39 30.39
CA ASN A 583 -28.40 -18.13 29.19
C ASN A 583 -29.55 -18.50 28.23
N LYS A 584 -30.78 -18.08 28.56
CA LYS A 584 -31.89 -18.15 27.60
C LYS A 584 -31.97 -16.85 26.78
N ARG A 585 -30.88 -16.09 26.78
CA ARG A 585 -30.88 -14.77 26.16
C ARG A 585 -29.48 -14.26 25.77
N ILE A 586 -28.81 -14.98 24.88
CA ILE A 586 -27.56 -14.50 24.33
C ILE A 586 -27.71 -14.27 22.84
N ALA A 587 -27.57 -13.02 22.42
CA ALA A 587 -27.53 -12.71 21.00
C ALA A 587 -26.07 -12.66 20.54
N ILE A 588 -25.85 -12.53 19.24
CA ILE A 588 -24.51 -12.33 18.69
C ILE A 588 -24.65 -11.48 17.43
N TRP A 589 -23.74 -10.57 17.21
CA TRP A 589 -23.86 -9.68 16.06
C TRP A 589 -22.49 -9.25 15.59
N GLY A 590 -22.38 -8.88 14.32
CA GLY A 590 -21.09 -8.52 13.76
C GLY A 590 -21.26 -8.08 12.33
N TRP A 591 -20.34 -7.22 11.90
CA TRP A 591 -20.37 -6.62 10.56
C TRP A 591 -19.12 -7.12 9.82
N SER A 592 -19.21 -7.27 8.51
CA SER A 592 -18.14 -7.87 7.69
C SER A 592 -17.64 -9.28 8.12
N TYR A 593 -16.36 -9.44 8.43
CA TYR A 593 -15.87 -10.72 8.95
C TYR A 593 -16.69 -11.11 10.18
N GLY A 594 -17.07 -10.14 10.98
CA GLY A 594 -17.92 -10.42 12.13
C GLY A 594 -19.30 -10.92 11.75
N GLY A 595 -19.79 -10.49 10.60
CA GLY A 595 -21.04 -11.01 10.06
C GLY A 595 -20.88 -12.44 9.60
N TYR A 596 -19.71 -12.74 9.04
CA TYR A 596 -19.36 -14.09 8.66
C TYR A 596 -19.33 -15.00 9.88
N VAL A 597 -18.71 -14.52 10.95
CA VAL A 597 -18.56 -15.35 12.15
C VAL A 597 -19.91 -15.48 12.84
N THR A 598 -20.70 -14.41 12.84
CA THR A 598 -22.05 -14.47 13.41
C THR A 598 -22.85 -15.54 12.72
N SER A 599 -22.90 -15.46 11.40
CA SER A 599 -23.57 -16.45 10.60
C SER A 599 -23.08 -17.86 10.88
N MET A 600 -21.77 -18.05 10.85
CA MET A 600 -21.21 -19.38 11.10
C MET A 600 -21.62 -19.92 12.46
N VAL A 601 -21.72 -19.03 13.46
CA VAL A 601 -22.13 -19.43 14.81
C VAL A 601 -23.61 -19.83 14.84
N LEU A 602 -24.45 -18.99 14.27
CA LEU A 602 -25.87 -19.27 14.26
C LEU A 602 -26.15 -20.59 13.54
N GLY A 603 -25.36 -20.88 12.51
CA GLY A 603 -25.52 -22.14 11.80
C GLY A 603 -24.75 -23.32 12.40
N SER A 604 -24.13 -23.13 13.54
CA SER A 604 -23.32 -24.20 14.15
C SER A 604 -24.17 -25.29 14.82
N GLY A 605 -25.39 -24.96 15.19
CA GLY A 605 -26.24 -25.87 15.93
C GLY A 605 -25.97 -25.90 17.43
N SER A 606 -24.97 -25.16 17.88
CA SER A 606 -24.55 -25.13 19.28
C SER A 606 -25.68 -24.99 20.29
N GLY A 607 -26.78 -24.38 19.88
CA GLY A 607 -27.89 -24.14 20.79
C GLY A 607 -27.60 -23.16 21.90
N VAL A 608 -26.47 -22.46 21.82
CA VAL A 608 -26.10 -21.45 22.83
C VAL A 608 -26.79 -20.11 22.57
N PHE A 609 -27.07 -19.81 21.31
CA PHE A 609 -27.51 -18.45 20.94
C PHE A 609 -28.94 -18.44 20.49
N LYS A 610 -29.68 -17.42 20.91
CA LYS A 610 -31.10 -17.30 20.62
C LYS A 610 -31.31 -16.56 19.31
N CYS A 611 -30.42 -15.61 19.01
CA CYS A 611 -30.56 -14.82 17.81
C CYS A 611 -29.28 -14.09 17.42
N GLY A 612 -29.21 -13.66 16.17
CA GLY A 612 -28.08 -12.87 15.71
C GLY A 612 -28.42 -11.87 14.63
N ILE A 613 -27.56 -10.85 14.47
CA ILE A 613 -27.67 -9.92 13.36
C ILE A 613 -26.37 -9.97 12.58
N ALA A 614 -26.46 -10.16 11.27
CA ALA A 614 -25.25 -10.17 10.45
C ALA A 614 -25.30 -9.03 9.44
N VAL A 615 -24.43 -8.04 9.59
CA VAL A 615 -24.40 -6.93 8.65
C VAL A 615 -23.27 -7.09 7.64
N ALA A 616 -23.57 -6.99 6.36
CA ALA A 616 -22.59 -7.21 5.30
C ALA A 616 -21.63 -8.37 5.51
N PRO A 617 -22.15 -9.59 5.65
CA PRO A 617 -21.25 -10.69 5.97
C PRO A 617 -20.58 -11.29 4.76
N VAL A 618 -19.32 -11.71 4.89
CA VAL A 618 -18.76 -12.66 3.93
C VAL A 618 -19.54 -13.98 4.13
N SER A 619 -19.89 -14.67 3.04
CA SER A 619 -20.61 -15.94 3.19
C SER A 619 -19.83 -17.13 2.64
N ARG A 620 -18.86 -16.83 1.78
CA ARG A 620 -18.13 -17.86 1.08
C ARG A 620 -16.85 -17.24 0.54
N TRP A 621 -15.69 -17.77 0.92
CA TRP A 621 -14.44 -17.08 0.62
C TRP A 621 -14.12 -16.93 -0.87
N GLU A 622 -14.67 -17.78 -1.74
CA GLU A 622 -14.44 -17.58 -3.17
C GLU A 622 -15.15 -16.34 -3.69
N TYR A 623 -15.99 -15.72 -2.85
CA TYR A 623 -16.64 -14.46 -3.21
C TYR A 623 -15.78 -13.24 -2.86
N TYR A 624 -15.03 -13.33 -1.76
CA TYR A 624 -14.19 -12.20 -1.36
C TYR A 624 -12.94 -12.01 -2.24
N ASP A 625 -12.19 -10.93 -1.99
CA ASP A 625 -11.06 -10.60 -2.85
C ASP A 625 -9.81 -11.49 -2.66
N SER A 626 -9.01 -11.53 -3.71
CA SER A 626 -7.82 -12.37 -3.77
C SER A 626 -6.77 -12.04 -2.69
N VAL A 627 -6.39 -10.78 -2.58
CA VAL A 627 -5.30 -10.39 -1.70
C VAL A 627 -5.54 -10.79 -0.24
N TYR A 628 -6.63 -10.25 0.33
CA TYR A 628 -7.04 -10.61 1.67
C TYR A 628 -7.26 -12.11 1.79
N THR A 629 -8.09 -12.69 0.93
CA THR A 629 -8.52 -14.05 1.17
C THR A 629 -7.38 -15.04 1.05
N GLU A 630 -6.56 -14.88 0.03
CA GLU A 630 -5.50 -15.83 -0.22
C GLU A 630 -4.41 -15.67 0.79
N ARG A 631 -4.29 -14.49 1.38
CA ARG A 631 -3.34 -14.35 2.48
C ARG A 631 -3.58 -15.45 3.54
N TYR A 632 -4.84 -15.72 3.82
CA TYR A 632 -5.16 -16.66 4.87
C TYR A 632 -5.53 -18.05 4.34
N MET A 633 -5.81 -18.17 3.04
CA MET A 633 -6.35 -19.43 2.52
C MET A 633 -5.62 -20.05 1.31
N GLY A 634 -4.65 -19.37 0.73
CA GLY A 634 -4.06 -19.89 -0.50
C GLY A 634 -5.09 -19.87 -1.61
N LEU A 635 -4.84 -20.60 -2.71
CA LEU A 635 -5.79 -20.66 -3.83
C LEU A 635 -6.90 -21.69 -3.63
N PRO A 636 -8.09 -21.44 -4.21
CA PRO A 636 -9.21 -22.37 -4.06
C PRO A 636 -9.21 -23.46 -5.14
N THR A 637 -8.03 -23.87 -5.59
CA THR A 637 -7.89 -25.00 -6.47
C THR A 637 -7.70 -26.27 -5.65
N PRO A 638 -7.95 -27.46 -6.22
CA PRO A 638 -7.75 -28.67 -5.40
C PRO A 638 -6.30 -29.08 -5.23
N GLU A 639 -5.36 -28.42 -5.91
CA GLU A 639 -3.94 -28.66 -5.66
C GLU A 639 -3.51 -27.93 -4.39
N ASP A 640 -4.34 -26.99 -3.96
CA ASP A 640 -3.99 -26.11 -2.85
C ASP A 640 -4.89 -26.31 -1.64
N ASN A 641 -5.98 -25.53 -1.53
CA ASN A 641 -6.80 -25.52 -0.30
C ASN A 641 -8.32 -25.52 -0.57
N LEU A 642 -8.70 -25.97 -1.76
CA LEU A 642 -10.09 -25.96 -2.15
C LEU A 642 -10.99 -26.63 -1.10
N ASP A 643 -10.51 -27.71 -0.48
CA ASP A 643 -11.33 -28.39 0.52
C ASP A 643 -11.74 -27.47 1.66
N HIS A 644 -10.78 -26.74 2.23
CA HIS A 644 -11.11 -25.82 3.29
C HIS A 644 -11.92 -24.62 2.81
N TYR A 645 -11.76 -24.22 1.53
CA TYR A 645 -12.65 -23.19 0.99
C TYR A 645 -14.10 -23.65 1.05
N ARG A 646 -14.35 -24.83 0.53
CA ARG A 646 -15.73 -25.30 0.36
C ARG A 646 -16.36 -25.76 1.67
N ASN A 647 -15.54 -26.23 2.60
CA ASN A 647 -16.05 -26.71 3.89
C ASN A 647 -16.57 -25.57 4.76
N SER A 648 -16.16 -24.34 4.45
CA SER A 648 -16.30 -23.22 5.38
C SER A 648 -17.32 -22.14 5.02
N THR A 649 -18.42 -22.52 4.36
CA THR A 649 -19.36 -21.53 3.87
C THR A 649 -20.57 -21.40 4.77
N VAL A 650 -21.18 -20.22 4.81
CA VAL A 650 -22.37 -20.03 5.61
C VAL A 650 -23.51 -20.89 5.07
N MET A 651 -23.67 -20.92 3.75
CA MET A 651 -24.89 -21.49 3.15
C MET A 651 -25.07 -22.98 3.47
N SER A 652 -23.96 -23.71 3.53
CA SER A 652 -23.98 -25.11 3.92
C SER A 652 -24.48 -25.38 5.34
N ARG A 653 -24.59 -24.36 6.18
CA ARG A 653 -25.18 -24.52 7.52
C ARG A 653 -26.66 -24.11 7.60
N ALA A 654 -27.28 -23.87 6.44
CA ALA A 654 -28.63 -23.30 6.41
C ALA A 654 -29.63 -23.98 7.34
N GLU A 655 -29.67 -25.32 7.28
CA GLU A 655 -30.58 -26.12 8.11
C GLU A 655 -30.59 -25.66 9.57
N ASN A 656 -29.40 -25.46 10.14
CA ASN A 656 -29.28 -25.19 11.56
C ASN A 656 -29.94 -23.89 11.97
N PHE A 657 -30.12 -23.00 11.01
CA PHE A 657 -30.74 -21.72 11.30
C PHE A 657 -32.17 -21.89 11.81
N LYS A 658 -32.76 -23.06 11.57
CA LYS A 658 -34.13 -23.29 12.02
C LYS A 658 -34.25 -23.13 13.54
N GLN A 659 -33.12 -23.15 14.24
CA GLN A 659 -33.12 -23.01 15.70
C GLN A 659 -32.91 -21.59 16.21
N VAL A 660 -32.73 -20.61 15.33
CA VAL A 660 -32.37 -19.25 15.77
C VAL A 660 -33.14 -18.14 15.07
N GLU A 661 -33.27 -16.98 15.70
CA GLU A 661 -33.79 -15.81 15.01
C GLU A 661 -32.63 -15.07 14.33
N TYR A 662 -32.81 -14.65 13.09
CA TYR A 662 -31.69 -14.16 12.29
C TYR A 662 -32.09 -12.88 11.58
N LEU A 663 -31.27 -11.82 11.72
CA LEU A 663 -31.50 -10.61 10.94
C LEU A 663 -30.33 -10.39 10.00
N LEU A 664 -30.60 -10.26 8.70
CA LEU A 664 -29.55 -10.15 7.69
C LEU A 664 -29.60 -8.80 7.00
N ILE A 665 -28.51 -8.04 7.04
CA ILE A 665 -28.54 -6.67 6.53
C ILE A 665 -27.36 -6.40 5.60
N HIS A 666 -27.63 -5.74 4.47
CA HIS A 666 -26.61 -5.51 3.47
C HIS A 666 -26.96 -4.28 2.64
N GLY A 667 -25.95 -3.46 2.32
CA GLY A 667 -26.14 -2.32 1.45
C GLY A 667 -26.10 -2.77 0.00
N THR A 668 -26.90 -2.17 -0.86
CA THR A 668 -26.98 -2.67 -2.22
C THR A 668 -25.75 -2.36 -3.05
N ALA A 669 -24.98 -1.36 -2.62
CA ALA A 669 -23.86 -0.80 -3.38
C ALA A 669 -22.52 -1.07 -2.71
N ASP A 670 -22.45 -2.13 -1.93
CA ASP A 670 -21.23 -2.54 -1.26
C ASP A 670 -20.22 -3.10 -2.27
N ASP A 671 -19.23 -2.32 -2.64
CA ASP A 671 -18.18 -2.78 -3.53
C ASP A 671 -17.14 -3.68 -2.84
N ASN A 672 -17.26 -3.84 -1.52
CA ASN A 672 -16.27 -4.59 -0.75
C ASN A 672 -16.67 -6.05 -0.57
N VAL A 673 -17.65 -6.25 0.30
CA VAL A 673 -18.33 -7.53 0.44
C VAL A 673 -19.62 -7.39 -0.33
N HIS A 674 -19.72 -8.04 -1.48
CA HIS A 674 -20.81 -7.80 -2.40
C HIS A 674 -22.15 -8.27 -1.87
N PHE A 675 -23.21 -7.63 -2.34
CA PHE A 675 -24.55 -7.99 -1.94
C PHE A 675 -24.73 -9.47 -2.23
N GLN A 676 -24.05 -9.92 -3.30
CA GLN A 676 -23.96 -11.32 -3.68
C GLN A 676 -23.87 -12.28 -2.50
N GLN A 677 -23.00 -11.98 -1.54
CA GLN A 677 -22.76 -12.89 -0.43
C GLN A 677 -24.02 -13.12 0.40
N SER A 678 -24.78 -12.04 0.63
CA SER A 678 -26.01 -12.16 1.39
C SER A 678 -27.13 -12.72 0.54
N ALA A 679 -27.11 -12.39 -0.75
CA ALA A 679 -28.10 -12.91 -1.68
C ALA A 679 -28.03 -14.42 -1.66
N GLN A 680 -26.80 -14.93 -1.61
CA GLN A 680 -26.58 -16.36 -1.49
C GLN A 680 -27.02 -16.90 -0.14
N ILE A 681 -26.78 -16.15 0.94
CA ILE A 681 -27.28 -16.62 2.25
C ILE A 681 -28.79 -16.80 2.27
N SER A 682 -29.51 -15.73 1.94
CA SER A 682 -30.96 -15.75 1.98
C SER A 682 -31.50 -16.77 0.99
N LYS A 683 -30.78 -16.97 -0.11
CA LYS A 683 -31.23 -18.01 -1.03
C LYS A 683 -31.18 -19.40 -0.38
N ALA A 684 -30.02 -19.80 0.18
CA ALA A 684 -29.95 -21.09 0.87
C ALA A 684 -31.00 -21.24 2.02
N LEU A 685 -31.17 -20.18 2.78
CA LEU A 685 -32.16 -20.23 3.84
C LEU A 685 -33.59 -20.47 3.31
N VAL A 686 -33.97 -19.77 2.23
CA VAL A 686 -35.27 -20.00 1.61
C VAL A 686 -35.35 -21.46 1.17
N ASP A 687 -34.28 -21.93 0.57
CA ASP A 687 -34.27 -23.27 0.00
C ASP A 687 -34.38 -24.36 1.04
N VAL A 688 -34.17 -24.06 2.31
CA VAL A 688 -34.51 -25.08 3.31
C VAL A 688 -35.65 -24.70 4.25
N GLY A 689 -36.42 -23.70 3.87
CA GLY A 689 -37.62 -23.35 4.60
C GLY A 689 -37.42 -22.66 5.93
N VAL A 690 -36.28 -22.02 6.13
CA VAL A 690 -36.02 -21.28 7.36
C VAL A 690 -36.60 -19.87 7.26
N ASP A 691 -37.26 -19.40 8.32
CA ASP A 691 -37.69 -18.01 8.31
C ASP A 691 -36.57 -17.13 8.87
N PHE A 692 -36.52 -15.88 8.43
CA PHE A 692 -35.54 -14.94 8.96
C PHE A 692 -35.95 -13.52 8.64
N GLN A 693 -35.30 -12.56 9.29
CA GLN A 693 -35.55 -11.15 9.00
C GLN A 693 -34.46 -10.67 8.05
N ALA A 694 -34.78 -9.71 7.20
CA ALA A 694 -33.77 -9.19 6.31
C ALA A 694 -33.99 -7.70 6.14
N MET A 695 -32.98 -7.03 5.60
CA MET A 695 -33.09 -5.61 5.30
C MET A 695 -32.00 -5.22 4.29
N TRP A 696 -32.41 -4.66 3.16
CA TRP A 696 -31.45 -4.10 2.22
C TRP A 696 -31.37 -2.60 2.50
N TYR A 697 -30.25 -1.98 2.17
CA TYR A 697 -30.17 -0.53 2.21
C TYR A 697 -29.81 -0.03 0.83
N THR A 698 -30.76 0.65 0.18
CA THR A 698 -30.57 1.07 -1.19
C THR A 698 -29.41 2.03 -1.29
N ASP A 699 -28.41 1.69 -2.09
CA ASP A 699 -27.31 2.60 -2.44
C ASP A 699 -26.24 2.82 -1.38
N GLU A 700 -26.28 2.06 -0.30
CA GLU A 700 -25.26 2.19 0.73
C GLU A 700 -24.03 1.33 0.41
N ASP A 701 -22.86 1.73 0.88
CA ASP A 701 -21.68 0.88 0.68
C ASP A 701 -21.40 0.06 1.94
N HIS A 702 -20.18 -0.45 2.05
CA HIS A 702 -19.81 -1.36 3.12
C HIS A 702 -19.95 -0.69 4.46
N GLY A 703 -19.85 0.62 4.47
CA GLY A 703 -19.93 1.37 5.70
C GLY A 703 -21.33 1.65 6.20
N ILE A 704 -22.32 1.57 5.32
CA ILE A 704 -23.69 2.02 5.61
C ILE A 704 -23.60 3.29 6.44
N ALA A 705 -22.74 4.20 6.00
CA ALA A 705 -22.25 5.28 6.84
C ALA A 705 -23.01 6.59 6.68
N SER A 706 -23.80 6.72 5.63
CA SER A 706 -24.57 7.93 5.41
C SER A 706 -25.50 8.16 6.60
N SER A 707 -25.73 9.42 6.94
CA SER A 707 -26.46 9.79 8.14
C SER A 707 -27.80 9.04 8.38
N THR A 708 -28.76 9.29 7.50
CA THR A 708 -30.08 8.66 7.59
C THR A 708 -30.02 7.14 7.66
N ALA A 709 -29.19 6.55 6.81
CA ALA A 709 -29.05 5.10 6.75
C ALA A 709 -28.49 4.53 8.04
N HIS A 710 -27.60 5.29 8.66
CA HIS A 710 -26.92 4.87 9.89
C HIS A 710 -27.87 4.87 11.08
N GLN A 711 -28.65 5.94 11.22
CA GLN A 711 -29.63 5.93 12.30
C GLN A 711 -30.74 4.89 12.04
N HIS A 712 -31.04 4.67 10.77
CA HIS A 712 -32.03 3.68 10.42
C HIS A 712 -31.59 2.27 10.77
N ILE A 713 -30.37 1.91 10.38
CA ILE A 713 -29.87 0.57 10.67
C ILE A 713 -29.75 0.31 12.18
N TYR A 714 -29.30 1.32 12.92
CA TYR A 714 -29.22 1.06 14.35
C TYR A 714 -30.60 0.99 15.02
N THR A 715 -31.53 1.83 14.56
CA THR A 715 -32.88 1.71 15.07
C THR A 715 -33.47 0.32 14.80
N HIS A 716 -33.34 -0.15 13.56
CA HIS A 716 -33.86 -1.46 13.22
C HIS A 716 -33.24 -2.56 14.07
N MET A 717 -31.93 -2.48 14.28
CA MET A 717 -31.24 -3.51 15.06
C MET A 717 -31.64 -3.45 16.52
N SER A 718 -31.92 -2.23 16.99
CA SER A 718 -32.41 -2.03 18.34
C SER A 718 -33.72 -2.75 18.51
N HIS A 719 -34.68 -2.51 17.61
CA HIS A 719 -35.99 -3.18 17.69
C HIS A 719 -35.84 -4.69 17.67
N PHE A 720 -35.06 -5.22 16.72
CA PHE A 720 -34.78 -6.66 16.70
C PHE A 720 -34.21 -7.20 18.03
N ILE A 721 -33.26 -6.49 18.63
CA ILE A 721 -32.70 -6.94 19.90
C ILE A 721 -33.72 -6.91 21.07
N LYS A 722 -34.25 -5.72 21.33
CA LYS A 722 -35.29 -5.55 22.33
C LYS A 722 -36.43 -6.58 22.18
N GLN A 723 -36.78 -6.91 20.95
CA GLN A 723 -37.84 -7.89 20.72
C GLN A 723 -37.36 -9.30 21.08
N CYS A 724 -36.15 -9.62 20.65
CA CYS A 724 -35.63 -10.97 20.81
C CYS A 724 -35.36 -11.30 22.28
N PHE A 725 -35.19 -10.26 23.08
CA PHE A 725 -34.93 -10.44 24.52
C PHE A 725 -36.22 -10.27 25.32
N SER A 726 -37.31 -10.08 24.59
CA SER A 726 -38.63 -9.76 25.16
C SER A 726 -38.56 -8.70 26.26
N LEU A 727 -37.87 -7.60 25.94
CA LEU A 727 -37.77 -6.44 26.81
C LEU A 727 -38.66 -5.31 26.27
N PRO A 728 -39.21 -4.45 27.18
CA PRO A 728 -40.13 -3.35 26.85
C PRO A 728 -39.62 -2.35 25.80
N GLU B 1 35.39 -4.31 -53.65
CA GLU B 1 35.14 -3.15 -52.77
C GLU B 1 33.90 -3.29 -51.83
N CYS B 2 34.11 -2.89 -50.57
CA CYS B 2 33.27 -3.26 -49.40
C CYS B 2 31.81 -2.87 -49.45
N ASP B 3 30.96 -3.90 -49.38
CA ASP B 3 29.55 -3.79 -49.72
C ASP B 3 28.76 -2.73 -48.99
N PHE B 4 28.93 -2.67 -47.66
CA PHE B 4 28.00 -1.97 -46.77
C PHE B 4 27.20 -0.80 -47.34
N SER B 5 25.87 -0.98 -47.43
CA SER B 5 25.23 -2.09 -46.74
C SER B 5 23.84 -2.54 -47.20
N PRO B 6 23.46 -3.75 -46.76
CA PRO B 6 22.10 -4.21 -46.43
C PRO B 6 21.52 -3.44 -45.23
N LEU B 7 22.12 -2.33 -44.85
CA LEU B 7 21.66 -1.56 -43.70
C LEU B 7 20.87 -0.36 -44.19
N LEU B 8 20.94 -0.12 -45.49
CA LEU B 8 20.09 0.88 -46.12
C LEU B 8 18.73 0.26 -46.49
N SER B 9 18.48 -0.97 -46.03
CA SER B 9 17.25 -1.67 -46.42
C SER B 9 16.12 -1.64 -45.36
N GLY B 10 15.91 -2.75 -44.68
CA GLY B 10 14.70 -2.94 -43.88
C GLY B 10 14.60 -2.11 -42.62
N THR B 11 14.24 -2.79 -41.53
CA THR B 11 14.17 -2.16 -40.23
C THR B 11 15.36 -2.60 -39.34
N PRO B 12 16.32 -1.67 -39.11
CA PRO B 12 17.46 -1.93 -38.22
C PRO B 12 16.95 -2.45 -36.90
N PRO B 13 17.44 -3.62 -36.44
CA PRO B 13 16.91 -4.30 -35.27
C PRO B 13 17.12 -3.53 -33.96
N GLN B 14 16.59 -4.07 -32.87
CA GLN B 14 16.82 -3.49 -31.56
C GLN B 14 18.23 -3.80 -31.08
N VAL B 15 18.72 -3.05 -30.11
CA VAL B 15 20.14 -3.12 -29.73
C VAL B 15 20.62 -4.52 -29.27
N TYR B 16 19.71 -5.32 -28.74
CA TYR B 16 20.05 -6.66 -28.26
C TYR B 16 19.97 -7.70 -29.36
N ASN B 17 19.47 -7.30 -30.52
CA ASN B 17 19.45 -8.14 -31.71
C ASN B 17 20.31 -7.53 -32.80
N PHE B 18 21.41 -6.90 -32.42
CA PHE B 18 22.26 -6.17 -33.37
C PHE B 18 22.69 -7.06 -34.53
N LYS B 19 22.43 -6.59 -35.74
CA LYS B 19 22.92 -7.28 -36.93
C LYS B 19 24.41 -6.96 -37.12
N ARG B 20 25.16 -8.02 -37.44
CA ARG B 20 26.60 -7.99 -37.59
C ARG B 20 27.02 -8.03 -39.07
N LEU B 21 28.01 -7.20 -39.42
CA LEU B 21 28.57 -7.20 -40.78
C LEU B 21 30.09 -7.41 -40.73
N VAL B 22 30.57 -8.36 -41.53
CA VAL B 22 31.98 -8.73 -41.52
C VAL B 22 32.68 -8.45 -42.86
N PHE B 23 33.73 -7.64 -42.83
CA PHE B 23 34.46 -7.31 -44.07
C PHE B 23 35.92 -7.75 -44.02
N THR B 24 36.28 -8.68 -44.91
CA THR B 24 37.59 -9.34 -44.86
C THR B 24 38.58 -8.84 -45.91
N ASN B 25 38.24 -8.96 -47.19
CA ASN B 25 39.13 -8.49 -48.26
C ASN B 25 38.40 -7.63 -49.30
N CYS B 26 38.48 -6.32 -49.08
CA CYS B 26 37.81 -5.33 -49.92
C CYS B 26 38.29 -3.94 -49.49
N ASN B 27 37.67 -2.88 -50.00
CA ASN B 27 37.94 -1.54 -49.45
C ASN B 27 36.73 -0.57 -49.40
N TYR B 28 36.85 0.47 -48.60
CA TYR B 28 35.68 1.16 -48.05
C TYR B 28 35.80 2.68 -48.13
N ASN B 29 34.67 3.39 -48.22
CA ASN B 29 34.68 4.85 -48.17
C ASN B 29 33.90 5.33 -46.93
N LEU B 30 33.75 6.65 -46.79
CA LEU B 30 32.84 7.22 -45.79
C LEU B 30 31.85 8.12 -46.51
N THR B 31 32.24 8.54 -47.72
CA THR B 31 31.28 8.99 -48.71
C THR B 31 30.30 7.83 -48.88
N LYS B 32 30.85 6.59 -48.87
CA LYS B 32 30.08 5.37 -49.14
C LYS B 32 28.95 5.07 -48.12
N LEU B 33 29.09 5.55 -46.89
CA LEU B 33 28.10 5.24 -45.86
C LEU B 33 28.25 6.03 -44.56
N LEU B 34 28.30 7.36 -44.65
CA LEU B 34 28.40 8.16 -43.43
C LEU B 34 27.99 9.61 -43.65
N SER B 35 28.11 10.06 -44.88
CA SER B 35 27.54 11.34 -45.27
C SER B 35 26.06 11.11 -45.53
N LEU B 36 25.71 9.85 -45.80
CA LEU B 36 24.32 9.44 -45.94
C LEU B 36 23.49 9.67 -44.66
N PHE B 37 24.15 9.78 -43.52
CA PHE B 37 23.44 10.01 -42.26
C PHE B 37 23.79 11.36 -41.68
N SER B 38 23.01 11.78 -40.70
CA SER B 38 23.38 12.92 -39.90
C SER B 38 24.10 12.37 -38.69
N VAL B 39 25.42 12.39 -38.72
CA VAL B 39 26.19 11.89 -37.58
C VAL B 39 26.07 12.83 -36.39
N ASN B 40 25.66 12.28 -35.24
CA ASN B 40 25.40 13.08 -34.06
C ASN B 40 26.54 12.98 -33.05
N ASP B 41 27.06 11.78 -32.85
CA ASP B 41 28.21 11.57 -31.98
C ASP B 41 29.13 10.46 -32.52
N PHE B 42 30.43 10.55 -32.21
CA PHE B 42 31.45 9.67 -32.80
C PHE B 42 32.61 9.43 -31.82
N THR B 43 32.55 8.33 -31.07
CA THR B 43 33.55 8.07 -30.04
C THR B 43 34.36 6.79 -30.31
N CYS B 44 35.66 6.85 -30.02
CA CYS B 44 36.51 5.67 -30.16
C CYS B 44 37.27 5.27 -28.89
N SER B 45 37.99 4.14 -28.97
CA SER B 45 38.88 3.67 -27.90
C SER B 45 40.13 3.04 -28.51
N GLN B 46 41.30 3.47 -28.04
CA GLN B 46 42.56 3.01 -28.62
C GLN B 46 42.63 3.29 -30.11
N ILE B 47 41.81 4.24 -30.57
CA ILE B 47 41.84 4.76 -31.94
C ILE B 47 41.13 6.12 -31.94
N SER B 48 41.27 6.88 -33.01
CA SER B 48 40.52 8.13 -33.16
C SER B 48 39.64 7.97 -34.39
N PRO B 49 38.57 8.80 -34.51
CA PRO B 49 37.72 8.60 -35.69
C PRO B 49 38.49 8.82 -37.00
N ALA B 50 39.39 9.81 -36.99
CA ALA B 50 40.23 10.13 -38.16
C ALA B 50 40.99 8.90 -38.63
N ALA B 51 41.66 8.25 -37.67
CA ALA B 51 42.37 7.00 -37.92
C ALA B 51 41.43 5.90 -38.42
N ILE B 52 40.29 5.72 -37.73
CA ILE B 52 39.34 4.67 -38.06
C ILE B 52 38.90 4.81 -39.53
N ALA B 53 38.95 6.04 -40.04
CA ALA B 53 38.66 6.28 -41.46
C ALA B 53 39.86 5.99 -42.38
N SER B 54 41.05 6.39 -41.93
CA SER B 54 42.29 6.21 -42.72
C SER B 54 42.75 4.75 -42.89
N ASN B 55 43.10 4.12 -41.76
CA ASN B 55 43.98 2.94 -41.70
C ASN B 55 43.61 1.67 -42.50
N CYS B 56 44.50 0.69 -42.43
CA CYS B 56 44.34 -0.60 -43.11
C CYS B 56 44.17 -1.73 -42.09
N TYR B 57 43.18 -2.59 -42.31
CA TYR B 57 42.88 -3.61 -41.30
C TYR B 57 42.84 -5.01 -41.89
N SER B 58 43.20 -6.00 -41.08
CA SER B 58 43.03 -7.39 -41.47
C SER B 58 41.55 -7.74 -41.48
N SER B 59 40.81 -7.12 -40.58
CA SER B 59 39.42 -7.47 -40.38
C SER B 59 38.62 -6.23 -40.00
N LEU B 60 37.37 -6.15 -40.48
CA LEU B 60 36.52 -5.04 -40.06
C LEU B 60 35.09 -5.44 -39.67
N ILE B 61 34.66 -5.01 -38.48
CA ILE B 61 33.35 -5.37 -37.95
C ILE B 61 32.41 -4.17 -37.77
N LEU B 62 31.20 -4.29 -38.34
CA LEU B 62 30.20 -3.23 -38.27
C LEU B 62 28.87 -3.72 -37.72
N ASP B 63 28.58 -3.38 -36.47
CA ASP B 63 27.31 -3.73 -35.85
C ASP B 63 26.37 -2.53 -35.98
N TYR B 64 25.10 -2.76 -36.28
CA TYR B 64 24.15 -1.65 -36.34
C TYR B 64 22.80 -2.00 -35.71
N PHE B 65 22.15 -0.99 -35.16
CA PHE B 65 20.86 -1.19 -34.51
C PHE B 65 20.11 0.14 -34.40
N SER B 66 18.84 0.07 -34.00
CA SER B 66 18.09 1.28 -33.68
C SER B 66 18.45 1.70 -32.27
N TYR B 67 18.57 2.99 -32.05
CA TYR B 67 19.01 3.48 -30.74
C TYR B 67 18.81 4.98 -30.61
N PRO B 68 18.18 5.40 -29.52
CA PRO B 68 17.85 6.80 -29.25
C PRO B 68 19.01 7.64 -28.72
N LEU B 69 19.23 8.81 -29.33
CA LEU B 69 20.19 9.79 -28.80
C LEU B 69 19.96 10.08 -27.33
N SER B 70 18.70 9.93 -26.90
CA SER B 70 18.32 10.22 -25.52
C SER B 70 19.08 9.33 -24.55
N MET B 71 19.47 8.14 -24.99
CA MET B 71 20.27 7.23 -24.17
C MET B 71 21.76 7.20 -24.55
N LYS B 72 22.28 8.32 -25.05
CA LYS B 72 23.70 8.46 -25.39
C LYS B 72 24.56 8.02 -24.22
N SER B 73 24.24 8.53 -23.04
CA SER B 73 25.04 8.26 -21.87
C SER B 73 25.25 6.74 -21.67
N ASP B 74 24.26 5.94 -22.07
CA ASP B 74 24.31 4.51 -21.73
C ASP B 74 24.98 3.65 -22.79
N LEU B 75 25.55 4.29 -23.81
CA LEU B 75 26.26 3.52 -24.83
C LEU B 75 27.70 3.99 -24.91
N SER B 76 28.49 3.57 -23.95
CA SER B 76 29.88 4.00 -23.94
C SER B 76 30.75 2.94 -23.29
N VAL B 77 31.99 2.83 -23.78
CA VAL B 77 32.93 1.83 -23.30
C VAL B 77 33.00 1.89 -21.77
N SER B 78 32.96 3.11 -21.23
CA SER B 78 33.01 3.33 -19.79
C SER B 78 31.67 3.10 -19.08
N SER B 79 30.58 3.06 -19.84
CA SER B 79 29.26 2.86 -19.25
C SER B 79 29.14 1.53 -18.52
N ALA B 80 28.26 1.49 -17.52
CA ALA B 80 28.01 0.30 -16.75
C ALA B 80 26.52 0.19 -16.43
N GLY B 81 25.70 0.54 -17.41
CA GLY B 81 24.26 0.37 -17.31
C GLY B 81 23.83 -0.84 -18.10
N PRO B 82 22.52 -0.95 -18.33
CA PRO B 82 21.93 -2.16 -18.91
C PRO B 82 22.39 -2.43 -20.33
N ILE B 83 22.94 -1.43 -21.02
CA ILE B 83 23.33 -1.67 -22.41
C ILE B 83 24.57 -2.57 -22.54
N SER B 84 25.64 -2.21 -21.82
CA SER B 84 26.86 -3.04 -21.78
C SER B 84 26.67 -4.24 -20.87
N GLN B 85 25.75 -4.12 -19.90
CA GLN B 85 25.46 -5.26 -19.06
C GLN B 85 24.75 -6.38 -19.81
N PHE B 86 23.63 -6.07 -20.46
CA PHE B 86 22.71 -7.08 -20.99
C PHE B 86 22.44 -7.01 -22.49
N ASN B 87 22.98 -6.03 -23.19
CA ASN B 87 22.55 -5.79 -24.58
C ASN B 87 23.61 -5.95 -25.68
N TYR B 88 24.66 -5.15 -25.56
CA TYR B 88 25.72 -5.10 -26.55
C TYR B 88 27.00 -4.66 -25.85
N LYS B 89 27.99 -5.54 -25.84
CA LYS B 89 29.31 -5.24 -25.30
C LYS B 89 30.32 -5.47 -26.41
N GLN B 90 31.14 -4.48 -26.72
CA GLN B 90 32.19 -4.70 -27.71
C GLN B 90 33.54 -5.07 -27.11
N SER B 91 34.50 -5.40 -27.98
CA SER B 91 35.80 -5.86 -27.52
C SER B 91 36.55 -4.76 -26.75
N PHE B 92 37.26 -5.16 -25.71
CA PHE B 92 38.12 -4.25 -24.98
C PHE B 92 39.55 -4.52 -25.40
N SER B 93 39.73 -5.56 -26.21
CA SER B 93 41.07 -5.93 -26.65
C SER B 93 41.40 -5.46 -28.06
N ASN B 94 40.44 -4.86 -28.76
CA ASN B 94 40.69 -4.28 -30.09
C ASN B 94 40.29 -2.81 -30.17
N PRO B 95 40.90 -2.05 -31.09
CA PRO B 95 40.49 -0.65 -31.22
C PRO B 95 39.01 -0.62 -31.56
N THR B 96 38.29 0.39 -31.07
CA THR B 96 36.85 0.28 -31.09
C THR B 96 36.13 1.61 -31.32
N CYS B 97 34.95 1.54 -31.93
CA CYS B 97 34.16 2.72 -32.26
C CYS B 97 32.65 2.61 -31.97
N LEU B 98 32.05 3.78 -31.80
CA LEU B 98 30.68 3.91 -31.36
C LEU B 98 30.12 5.20 -31.93
N ILE B 99 29.30 5.06 -32.97
CA ILE B 99 28.73 6.19 -33.69
C ILE B 99 27.23 6.27 -33.48
N LEU B 100 26.74 7.44 -33.07
CA LEU B 100 25.32 7.71 -32.98
C LEU B 100 24.92 8.66 -34.09
N ALA B 101 23.94 8.26 -34.91
CA ALA B 101 23.49 9.09 -36.03
C ALA B 101 21.99 9.02 -36.23
N THR B 102 21.45 9.91 -37.06
CA THR B 102 20.02 9.96 -37.37
C THR B 102 19.79 9.81 -38.87
N VAL B 103 18.77 9.08 -39.28
CA VAL B 103 18.47 8.97 -40.71
C VAL B 103 17.53 10.10 -41.21
N PRO B 104 18.11 11.13 -41.85
CA PRO B 104 17.31 12.29 -42.27
C PRO B 104 16.48 11.97 -43.51
N HIS B 105 15.49 12.81 -43.83
CA HIS B 105 14.49 12.51 -44.85
C HIS B 105 15.10 12.12 -46.20
N ASN B 106 16.26 12.72 -46.52
CA ASN B 106 17.08 12.41 -47.70
C ASN B 106 16.98 10.95 -48.13
N LEU B 107 17.58 10.06 -47.34
CA LEU B 107 17.43 8.62 -47.56
C LEU B 107 16.14 8.19 -46.90
N THR B 108 15.44 7.28 -47.58
CA THR B 108 14.07 6.97 -47.23
C THR B 108 13.93 5.47 -47.14
N THR B 109 15.01 4.79 -47.46
CA THR B 109 14.94 3.36 -47.71
C THR B 109 14.99 2.54 -46.40
N ILE B 110 15.65 3.09 -45.37
CA ILE B 110 15.60 2.57 -44.00
C ILE B 110 14.28 2.91 -43.30
N THR B 111 13.69 1.95 -42.59
CA THR B 111 12.36 2.14 -42.02
C THR B 111 12.33 2.02 -40.48
N LYS B 112 11.50 2.85 -39.84
CA LYS B 112 11.39 2.85 -38.38
C LYS B 112 10.67 1.61 -37.84
N PRO B 113 11.05 1.15 -36.63
CA PRO B 113 10.24 0.20 -35.86
C PRO B 113 9.29 0.94 -34.94
N LEU B 114 8.35 0.23 -34.34
CA LEU B 114 7.35 0.82 -33.42
C LEU B 114 7.97 1.72 -32.35
N LYS B 115 9.00 1.20 -31.68
CA LYS B 115 9.68 1.92 -30.61
C LYS B 115 11.05 1.31 -30.35
N TYR B 116 11.91 2.09 -29.72
CA TYR B 116 13.22 1.59 -29.29
C TYR B 116 13.04 0.65 -28.12
N SER B 117 13.59 -0.57 -28.20
CA SER B 117 13.55 -1.50 -27.07
C SER B 117 14.95 -1.70 -26.57
N TYR B 118 15.07 -2.10 -25.31
CA TYR B 118 16.32 -2.67 -24.78
C TYR B 118 16.00 -3.52 -23.57
N ILE B 119 16.89 -4.44 -23.24
CA ILE B 119 16.75 -5.30 -22.07
C ILE B 119 17.21 -4.55 -20.83
N ASN B 120 16.43 -4.58 -19.74
CA ASN B 120 16.83 -3.89 -18.52
C ASN B 120 17.12 -4.78 -17.32
N LYS B 121 16.74 -6.04 -17.42
CA LYS B 121 17.13 -7.07 -16.45
C LYS B 121 17.26 -8.39 -17.19
N CYS B 122 18.33 -9.11 -16.90
CA CYS B 122 18.50 -10.47 -17.41
C CYS B 122 19.17 -11.29 -16.31
N SER B 123 18.40 -12.16 -15.69
CA SER B 123 18.89 -12.86 -14.52
C SER B 123 18.53 -14.35 -14.52
N ARG B 124 19.23 -15.10 -13.69
CA ARG B 124 18.82 -16.45 -13.39
C ARG B 124 18.29 -16.43 -11.97
N LEU B 125 17.29 -17.26 -11.71
CA LEU B 125 16.96 -17.59 -10.34
C LEU B 125 17.37 -19.04 -10.23
N LEU B 126 18.29 -19.34 -9.31
CA LEU B 126 18.78 -20.70 -9.15
C LEU B 126 17.71 -21.55 -8.47
N SER B 127 17.95 -22.85 -8.41
CA SER B 127 16.94 -23.81 -7.94
C SER B 127 16.54 -23.64 -6.48
N ASP B 128 17.36 -22.95 -5.69
CA ASP B 128 17.01 -22.69 -4.30
C ASP B 128 15.83 -21.72 -4.17
N ASP B 129 15.33 -21.24 -5.31
CA ASP B 129 14.27 -20.22 -5.37
C ASP B 129 14.55 -18.95 -4.54
N ARG B 130 15.82 -18.71 -4.23
CA ARG B 130 16.22 -17.55 -3.45
C ARG B 130 17.17 -16.66 -4.24
N THR B 131 18.25 -17.27 -4.76
CA THR B 131 19.39 -16.52 -5.31
C THR B 131 19.19 -16.01 -6.73
N GLU B 132 19.44 -14.72 -6.91
CA GLU B 132 19.39 -14.15 -8.24
C GLU B 132 20.82 -13.96 -8.72
N VAL B 133 21.07 -14.37 -9.94
CA VAL B 133 22.38 -14.15 -10.54
C VAL B 133 22.25 -13.49 -11.92
N PRO B 134 22.53 -12.18 -12.00
CA PRO B 134 22.49 -11.48 -13.29
C PRO B 134 23.30 -12.21 -14.36
N GLN B 135 22.85 -12.17 -15.61
CA GLN B 135 23.61 -12.77 -16.71
C GLN B 135 24.19 -11.70 -17.60
N LEU B 136 25.49 -11.47 -17.51
CA LEU B 136 26.10 -10.44 -18.33
C LEU B 136 26.41 -10.94 -19.75
N VAL B 137 26.16 -10.09 -20.75
CA VAL B 137 26.48 -10.45 -22.12
C VAL B 137 27.97 -10.27 -22.31
N ASN B 138 28.58 -11.18 -23.06
CA ASN B 138 30.01 -11.08 -23.36
C ASN B 138 30.24 -10.28 -24.62
N ALA B 139 31.45 -9.75 -24.78
CA ALA B 139 31.82 -9.07 -26.02
C ALA B 139 31.49 -9.97 -27.20
N ASN B 140 31.07 -9.36 -28.30
CA ASN B 140 30.71 -10.09 -29.53
C ASN B 140 29.62 -11.16 -29.40
N GLN B 141 28.78 -11.09 -28.37
CA GLN B 141 27.71 -12.08 -28.24
C GLN B 141 26.34 -11.50 -27.98
N TYR B 142 25.33 -12.35 -27.94
CA TYR B 142 23.96 -11.95 -27.65
C TYR B 142 23.60 -12.26 -26.22
N SER B 143 22.70 -11.50 -25.62
CA SER B 143 22.28 -11.79 -24.26
C SER B 143 21.57 -13.13 -24.23
N PRO B 144 21.85 -13.95 -23.21
CA PRO B 144 21.18 -15.24 -23.02
C PRO B 144 19.66 -15.10 -22.99
N CYS B 145 19.18 -13.87 -22.85
CA CYS B 145 17.75 -13.64 -22.74
C CYS B 145 17.07 -13.36 -24.08
N VAL B 146 17.87 -13.37 -25.15
CA VAL B 146 17.35 -13.17 -26.49
C VAL B 146 16.28 -14.21 -26.81
N SER B 147 16.51 -15.44 -26.32
CA SER B 147 15.57 -16.54 -26.48
C SER B 147 14.19 -16.26 -25.92
N ILE B 148 14.05 -15.25 -25.07
CA ILE B 148 12.76 -15.01 -24.39
C ILE B 148 12.24 -13.57 -24.49
N VAL B 149 13.06 -12.67 -25.02
CA VAL B 149 12.63 -11.28 -25.23
C VAL B 149 12.18 -11.11 -26.68
N PRO B 150 10.97 -10.59 -26.89
CA PRO B 150 10.47 -10.32 -28.25
C PRO B 150 11.35 -9.33 -29.03
N SER B 151 11.24 -9.35 -30.35
CA SER B 151 12.06 -8.51 -31.22
C SER B 151 11.81 -7.03 -30.93
N THR B 152 10.56 -6.73 -30.56
CA THR B 152 10.19 -5.41 -30.07
C THR B 152 9.30 -5.56 -28.83
N VAL B 153 9.69 -4.90 -27.74
CA VAL B 153 8.97 -5.01 -26.47
C VAL B 153 7.62 -4.28 -26.55
N TRP B 154 6.59 -4.94 -26.04
CA TRP B 154 5.23 -4.46 -26.19
C TRP B 154 5.03 -3.19 -25.38
N GLU B 155 5.24 -3.28 -24.07
CA GLU B 155 5.04 -2.12 -23.20
C GLU B 155 6.23 -1.92 -22.28
N ASP B 156 6.43 -0.69 -21.82
CA ASP B 156 7.67 -0.27 -21.14
C ASP B 156 8.14 -1.12 -19.95
N GLY B 157 7.29 -1.91 -19.34
CA GLY B 157 7.81 -2.64 -18.19
C GLY B 157 7.78 -4.15 -18.23
N ASP B 158 7.48 -4.70 -19.40
CA ASP B 158 7.13 -6.11 -19.56
C ASP B 158 8.22 -7.03 -18.99
N TYR B 159 7.82 -8.21 -18.53
CA TYR B 159 8.80 -9.17 -18.05
C TYR B 159 8.56 -10.60 -18.56
N TYR B 160 9.62 -11.38 -18.64
CA TYR B 160 9.59 -12.66 -19.32
C TYR B 160 10.22 -13.74 -18.46
N ARG B 161 9.68 -14.96 -18.55
CA ARG B 161 10.18 -16.07 -17.76
C ARG B 161 10.17 -17.37 -18.57
N LYS B 162 11.22 -18.14 -18.45
CA LYS B 162 11.31 -19.46 -19.08
C LYS B 162 11.86 -20.38 -18.02
N GLN B 163 11.10 -21.42 -17.67
CA GLN B 163 11.61 -22.38 -16.68
C GLN B 163 12.74 -23.24 -17.28
N LEU B 164 13.75 -23.55 -16.48
CA LEU B 164 14.88 -24.32 -17.00
C LEU B 164 14.80 -25.80 -16.64
N SER B 165 15.18 -26.66 -17.59
CA SER B 165 15.29 -28.09 -17.32
C SER B 165 16.48 -28.36 -16.38
N PRO B 166 16.39 -29.44 -15.56
CA PRO B 166 17.43 -29.75 -14.56
C PRO B 166 18.84 -29.80 -15.17
N LEU B 167 18.94 -30.24 -16.41
CA LEU B 167 20.21 -30.21 -17.12
C LEU B 167 20.62 -28.76 -17.40
N GLU B 168 19.67 -27.98 -17.91
CA GLU B 168 19.89 -26.62 -18.37
C GLU B 168 20.38 -25.68 -17.25
N GLY B 169 20.44 -26.17 -16.02
CA GLY B 169 20.86 -25.35 -14.89
C GLY B 169 19.96 -25.49 -13.66
N GLY B 170 18.68 -25.76 -13.87
CA GLY B 170 17.79 -26.11 -12.79
C GLY B 170 16.85 -25.06 -12.18
N GLY B 171 16.93 -23.81 -12.61
CA GLY B 171 16.06 -22.80 -12.03
C GLY B 171 15.16 -22.12 -13.04
N TRP B 172 15.15 -20.78 -13.01
CA TRP B 172 14.45 -19.99 -14.02
C TRP B 172 15.38 -19.00 -14.71
N LEU B 173 15.07 -18.67 -15.94
CA LEU B 173 15.65 -17.51 -16.60
C LEU B 173 14.58 -16.45 -16.59
N VAL B 174 14.98 -15.21 -16.34
CA VAL B 174 14.03 -14.12 -16.18
C VAL B 174 14.57 -12.89 -16.90
N ALA B 175 13.70 -12.10 -17.50
CA ALA B 175 14.17 -10.89 -18.16
C ALA B 175 13.12 -9.80 -18.09
N SER B 176 13.52 -8.58 -18.37
CA SER B 176 12.58 -7.47 -18.36
C SER B 176 13.04 -6.53 -19.44
N GLY B 177 12.12 -5.81 -20.06
CA GLY B 177 12.43 -5.00 -21.22
C GLY B 177 11.83 -3.62 -21.11
N SER B 178 12.55 -2.63 -21.60
CA SER B 178 12.13 -1.23 -21.54
C SER B 178 12.08 -0.59 -22.92
N THR B 179 11.29 0.46 -23.04
CA THR B 179 11.10 1.10 -24.34
C THR B 179 11.36 2.60 -24.27
N VAL B 180 11.68 3.18 -25.42
CA VAL B 180 11.70 4.62 -25.57
C VAL B 180 10.84 4.96 -26.79
N ALA B 181 10.01 5.99 -26.64
CA ALA B 181 9.13 6.41 -27.71
C ALA B 181 9.91 6.68 -28.99
N MET B 182 9.40 6.21 -30.12
CA MET B 182 10.05 6.41 -31.39
C MET B 182 10.14 7.89 -31.68
N THR B 183 11.26 8.31 -32.25
CA THR B 183 11.46 9.71 -32.62
C THR B 183 11.02 9.89 -34.06
N GLU B 184 10.84 11.14 -34.47
CA GLU B 184 10.36 11.46 -35.83
C GLU B 184 11.32 10.99 -36.93
N GLN B 185 12.62 11.23 -36.70
CA GLN B 185 13.68 11.02 -37.69
C GLN B 185 14.12 9.56 -37.83
N LEU B 186 14.24 8.89 -36.68
CA LEU B 186 14.89 7.57 -36.48
C LEU B 186 16.38 7.70 -36.24
N GLN B 187 16.78 7.32 -35.02
CA GLN B 187 18.16 7.41 -34.60
C GLN B 187 18.75 6.01 -34.49
N MET B 188 19.99 5.86 -34.94
CA MET B 188 20.65 4.55 -35.03
C MET B 188 21.99 4.54 -34.31
N GLY B 189 22.50 3.34 -34.10
CA GLY B 189 23.79 3.14 -33.46
C GLY B 189 24.64 2.18 -34.27
N PHE B 190 25.93 2.51 -34.41
CA PHE B 190 26.91 1.71 -35.14
C PHE B 190 28.14 1.44 -34.30
N GLY B 191 28.45 0.17 -34.04
CA GLY B 191 29.66 -0.18 -33.33
C GLY B 191 30.71 -0.78 -34.25
N ILE B 192 31.94 -0.27 -34.18
CA ILE B 192 33.00 -0.79 -35.04
C ILE B 192 34.14 -1.46 -34.25
N THR B 193 34.63 -2.59 -34.77
CA THR B 193 35.81 -3.24 -34.23
C THR B 193 36.79 -3.57 -35.36
N VAL B 194 37.98 -2.98 -35.30
CA VAL B 194 39.01 -3.26 -36.27
C VAL B 194 40.10 -4.15 -35.69
N GLN B 195 40.58 -5.09 -36.50
CA GLN B 195 41.66 -5.99 -36.12
C GLN B 195 42.86 -5.77 -37.03
N TYR B 196 44.01 -5.39 -36.47
CA TYR B 196 45.22 -5.21 -37.29
C TYR B 196 46.05 -6.49 -37.45
N GLY B 197 47.26 -6.36 -38.00
CA GLY B 197 48.21 -7.45 -38.16
C GLY B 197 47.65 -8.62 -38.95
N THR B 198 48.32 -9.76 -38.97
CA THR B 198 49.70 -9.88 -38.47
C THR B 198 50.69 -9.74 -39.65
N ASP B 199 50.15 -9.93 -40.86
CA ASP B 199 50.81 -9.69 -42.15
C ASP B 199 49.76 -9.71 -43.28
N THR B 200 48.51 -9.34 -42.97
CA THR B 200 47.40 -9.53 -43.93
C THR B 200 46.38 -8.37 -44.00
N ASN B 201 46.84 -7.15 -43.70
CA ASN B 201 45.98 -5.95 -43.71
C ASN B 201 45.35 -5.66 -45.07
N SER B 202 44.25 -6.35 -45.39
CA SER B 202 43.63 -6.22 -46.72
C SER B 202 42.24 -5.55 -46.73
N VAL B 203 42.10 -4.46 -45.98
CA VAL B 203 40.89 -3.63 -45.96
C VAL B 203 41.35 -2.17 -45.84
N CYS B 204 41.17 -1.36 -46.90
CA CYS B 204 41.91 -0.09 -46.97
C CYS B 204 41.16 1.19 -47.35
C1 NAG C . 17.63 16.93 -3.01
C2 NAG C . 18.38 18.26 -2.92
C3 NAG C . 19.49 18.43 -3.97
C4 NAG C . 20.14 17.13 -4.46
C5 NAG C . 19.11 16.02 -4.51
C6 NAG C . 19.72 14.70 -4.97
C7 NAG C . 17.54 20.41 -2.21
C8 NAG C . 16.40 21.41 -2.27
N2 NAG C . 17.41 19.34 -3.01
O3 NAG C . 20.51 19.28 -3.47
O4 NAG C . 20.62 17.38 -5.78
O5 NAG C . 18.60 15.91 -3.20
O6 NAG C . 20.53 14.19 -3.94
O7 NAG C . 18.50 20.61 -1.45
C1 NAG C . 21.99 16.93 -6.01
C2 NAG C . 22.10 16.66 -7.52
C3 NAG C . 23.55 16.42 -7.96
C4 NAG C . 24.44 17.54 -7.40
C5 NAG C . 24.34 17.52 -5.86
C6 NAG C . 25.23 18.63 -5.27
C7 NAG C . 20.15 15.74 -8.72
C8 NAG C . 19.56 17.13 -8.85
N2 NAG C . 21.18 15.58 -7.86
O3 NAG C . 23.62 16.32 -9.37
O4 NAG C . 25.79 17.55 -7.87
O5 NAG C . 22.99 17.77 -5.44
O6 NAG C . 24.39 19.78 -5.21
O7 NAG C . 19.68 14.81 -9.40
C1 NAG D . -1.72 -4.58 -19.46
C2 NAG D . -0.64 -4.18 -20.47
C3 NAG D . -1.03 -4.59 -21.88
C4 NAG D . -1.34 -6.09 -21.92
C5 NAG D . -2.44 -6.36 -20.89
C6 NAG D . -2.77 -7.83 -20.77
C7 NAG D . 0.75 -2.31 -19.82
C8 NAG D . 1.57 -3.27 -19.00
N2 NAG D . -0.36 -2.77 -20.40
O3 NAG D . -0.02 -4.26 -22.80
O4 NAG D . -1.78 -6.39 -23.23
O5 NAG D . -2.07 -5.94 -19.60
O6 NAG D . -1.55 -8.53 -20.89
O7 NAG D . 1.14 -1.15 -19.93
C1 NAG D . -1.20 -7.56 -23.82
C2 NAG D . -2.01 -7.85 -25.07
C3 NAG D . -1.38 -8.87 -26.01
C4 NAG D . 0.16 -8.84 -26.04
C5 NAG D . 0.74 -8.62 -24.66
C6 NAG D . 2.26 -8.51 -24.73
C7 NAG D . -4.42 -7.55 -24.54
C8 NAG D . -5.51 -8.17 -23.71
N2 NAG D . -3.33 -8.33 -24.69
O3 NAG D . -1.93 -8.62 -27.29
O4 NAG D . 0.74 -10.04 -26.58
O5 NAG D . 0.17 -7.43 -24.15
O6 NAG D . 2.81 -8.11 -23.49
O7 NAG D . -4.56 -6.42 -25.05
C1 BMA D . 1.18 -9.84 -27.97
C2 BMA D . 2.36 -10.87 -28.30
C3 BMA D . 2.78 -10.71 -29.77
C4 BMA D . 1.49 -11.02 -30.59
C5 BMA D . 0.45 -9.84 -30.33
C6 BMA D . -0.86 -9.93 -31.14
O2 BMA D . 1.87 -12.24 -28.19
O3 BMA D . 3.92 -11.54 -30.16
O4 BMA D . 1.75 -11.26 -32.00
O5 BMA D . 0.08 -9.87 -28.91
O6 BMA D . -1.97 -9.48 -30.28
C1 NAG E . 4.82 12.96 -25.64
C2 NAG E . 4.87 13.79 -26.93
C3 NAG E . 3.52 13.85 -27.63
C4 NAG E . 2.83 12.49 -27.80
C5 NAG E . 2.86 11.67 -26.51
C6 NAG E . 2.26 10.24 -26.65
C7 NAG E . 6.64 15.46 -26.85
C8 NAG E . 7.14 16.70 -26.15
N2 NAG E . 5.34 15.14 -26.69
O3 NAG E . 3.73 14.46 -28.90
O4 NAG E . 1.47 12.73 -28.12
O5 NAG E . 4.15 11.71 -25.90
O6 NAG E . 2.77 9.34 -27.64
O7 NAG E . 7.41 14.77 -27.51
C1 NAG E . 1.11 12.24 -29.43
C2 NAG E . -0.39 12.48 -29.63
C3 NAG E . -0.89 12.09 -31.02
C4 NAG E . 0.09 12.52 -32.13
C5 NAG E . 1.54 12.19 -31.73
C6 NAG E . 2.50 12.67 -32.81
C7 NAG E . -1.61 12.51 -27.57
C8 NAG E . -2.51 11.82 -26.57
N2 NAG E . -1.13 11.79 -28.59
O3 NAG E . -2.19 12.67 -31.19
O4 NAG E . -0.18 11.92 -33.41
O5 NAG E . 1.83 12.83 -30.49
O6 NAG E . 2.41 14.09 -32.80
O7 NAG E . -1.34 13.70 -27.43
C1 NAG F . 7.50 33.34 20.11
C2 NAG F . 7.65 33.82 18.67
C3 NAG F . 9.07 34.19 18.25
C4 NAG F . 9.79 35.00 19.32
C5 NAG F . 9.61 34.30 20.68
C6 NAG F . 10.40 34.93 21.84
C7 NAG F . 6.10 33.01 17.04
C8 NAG F . 5.61 31.88 16.17
N2 NAG F . 7.18 32.76 17.79
O3 NAG F . 9.00 34.93 17.05
O4 NAG F . 11.16 35.10 18.94
O5 NAG F . 8.21 34.24 20.97
O6 NAG F . 9.76 36.12 22.29
O7 NAG F . 5.54 34.12 17.07
C1 NAG G . -13.71 33.52 12.99
C2 NAG G . -14.86 33.00 13.88
C3 NAG G . -15.26 33.96 15.00
C4 NAG G . -14.02 34.45 15.77
C5 NAG G . -13.05 35.10 14.75
C6 NAG G . -11.80 35.78 15.39
C7 NAG G . -16.57 31.39 13.11
C8 NAG G . -18.04 31.31 12.73
N2 NAG G . -16.03 32.63 13.09
O3 NAG G . -16.20 33.29 15.85
O4 NAG G . -14.36 35.36 16.82
O5 NAG G . -12.66 34.14 13.76
O6 NAG G . -11.01 34.87 16.15
O7 NAG G . -15.94 30.35 13.42
C1 NAG H . -14.86 23.15 -13.62
C2 NAG H . -14.10 24.24 -14.40
C3 NAG H . -14.93 25.52 -14.64
C4 NAG H . -16.44 25.32 -14.86
C5 NAG H . -17.03 24.21 -13.97
C6 NAG H . -18.52 23.88 -14.26
C7 NAG H . -11.64 24.21 -14.28
C8 NAG H . -10.42 24.36 -13.41
N2 NAG H . -12.83 24.57 -13.75
O3 NAG H . -14.37 26.18 -15.77
O4 NAG H . -17.13 26.55 -14.63
O5 NAG H . -16.22 23.03 -14.07
O6 NAG H . -18.80 23.38 -15.57
O7 NAG H . -11.51 23.74 -15.43
C1 NAG I . 4.07 -21.49 1.55
C2 NAG I . 3.63 -22.71 0.71
C3 NAG I . 4.41 -24.00 1.06
C4 NAG I . 5.89 -23.60 1.07
C5 NAG I . 6.06 -22.53 2.14
C6 NAG I . 7.49 -22.23 2.57
C7 NAG I . 1.59 -23.68 1.72
C8 NAG I . 1.66 -23.34 3.21
N2 NAG I . 2.18 -22.86 0.83
O3 NAG I . 4.09 -25.10 0.19
O4 NAG I . 6.77 -24.67 1.36
O5 NAG I . 5.47 -21.37 1.60
O6 NAG I . 7.52 -20.99 3.25
O7 NAG I . 0.97 -24.71 1.35
C1 NAG J . -7.55 -26.75 23.55
C2 NAG J . -8.11 -25.91 22.38
C3 NAG J . -9.20 -26.63 21.60
C4 NAG J . -8.69 -28.00 21.17
C5 NAG J . -8.43 -28.81 22.43
C6 NAG J . -7.91 -30.19 22.06
C7 NAG J . -8.10 -23.50 22.39
C8 NAG J . -8.94 -22.25 22.60
N2 NAG J . -8.66 -24.65 22.83
O3 NAG J . -9.59 -25.83 20.48
O4 NAG J . -9.59 -28.69 20.32
O5 NAG J . -7.46 -28.17 23.27
O6 NAG J . -6.60 -30.06 21.52
O7 NAG J . -6.97 -23.47 21.86
#